data_4XB2
#
_entry.id   4XB2
#
_cell.length_a   78.389
_cell.length_b   47.811
_cell.length_c   90.534
_cell.angle_alpha   90.000
_cell.angle_beta   95.540
_cell.angle_gamma   90.000
#
_symmetry.space_group_name_H-M   'P 1 21 1'
#
loop_
_entity.id
_entity.type
_entity.pdbx_description
1 polymer '319aa long hypothetical homoserine dehydrogenase'
2 non-polymer 'NADPH DIHYDRO-NICOTINAMIDE-ADENINE-DINUCLEOTIDE PHOSPHATE'
3 non-polymer L-HOMOSERINE
4 non-polymer 'SODIUM ION'
5 water water
#
_entity_poly.entity_id   1
_entity_poly.type   'polypeptide(L)'
_entity_poly.pdbx_seq_one_letter_code
;MNHKVHHHHHHIEGRHMKVNISIFGFGTVGRALAEIIAEKSRIFGVELNVISITDRSGTIWGDFDLLEAKEVAESTGKLS
NIGDYEVYNFSPQELVEEVKPNILVDVSSWDEAHEMYKVALGEGISVVTSNKPPIANYYDELMNLAKENNAGIFFESTVM
AGTPIIGVLRENLLGENIKRIDAVVNASTTFILTKMSEGKTLDDAIEEAKSLGILEEDPSKDIDGIDAYYKAKILHWVSY
GEPPEEEERLGIREVRDARNVRLVAQVSKGKISVKPRKLSSDNPLLVEGVQNAAVIRTNNLGEVILKGPGGGGRVTASGV
FTDIIKATLKFPNLR
;
_entity_poly.pdbx_strand_id   A,B
#
# COMPACT_ATOMS: atom_id res chain seq x y z
N MET A 17 -11.85 10.97 19.28
CA MET A 17 -12.82 11.39 18.21
C MET A 17 -13.87 10.30 18.00
N LYS A 18 -15.06 10.51 18.52
CA LYS A 18 -16.12 9.50 18.43
C LYS A 18 -16.71 9.47 17.04
N VAL A 19 -17.00 8.27 16.52
CA VAL A 19 -17.68 8.15 15.22
C VAL A 19 -18.80 7.10 15.24
N ASN A 20 -19.90 7.46 14.57
CA ASN A 20 -21.12 6.66 14.49
C ASN A 20 -21.24 6.01 13.12
N ILE A 21 -21.42 4.68 13.12
CA ILE A 21 -21.30 3.83 11.94
C ILE A 21 -22.56 3.03 11.70
N SER A 22 -23.13 3.11 10.50
CA SER A 22 -24.25 2.24 10.14
C SER A 22 -23.72 1.14 9.26
N ILE A 23 -23.89 -0.11 9.68
CA ILE A 23 -23.52 -1.25 8.87
C ILE A 23 -24.73 -1.78 8.12
N PHE A 24 -24.62 -1.73 6.81
CA PHE A 24 -25.65 -2.24 5.91
C PHE A 24 -25.24 -3.59 5.34
N GLY A 25 -26.00 -4.61 5.66
CA GLY A 25 -25.70 -6.00 5.34
C GLY A 25 -25.04 -6.63 6.54
N PHE A 26 -25.25 -7.92 6.73
CA PHE A 26 -24.70 -8.62 7.86
C PHE A 26 -24.55 -10.11 7.59
N GLY A 27 -23.79 -10.43 6.59
CA GLY A 27 -23.50 -11.80 6.28
C GLY A 27 -22.11 -12.15 6.76
N THR A 28 -21.46 -13.03 6.05
CA THR A 28 -20.11 -13.45 6.43
C THR A 28 -19.24 -12.25 6.73
N VAL A 29 -19.20 -11.31 5.80
CA VAL A 29 -18.32 -10.17 5.91
C VAL A 29 -18.71 -9.22 7.08
N GLY A 30 -19.97 -8.81 7.11
CA GLY A 30 -20.43 -7.91 8.15
C GLY A 30 -20.27 -8.50 9.54
N ARG A 31 -20.45 -9.81 9.68
CA ARG A 31 -20.37 -10.44 10.99
C ARG A 31 -18.91 -10.50 11.42
N ALA A 32 -18.01 -10.79 10.49
CA ALA A 32 -16.60 -10.72 10.81
C ALA A 32 -16.17 -9.27 11.10
N LEU A 33 -16.83 -8.30 10.49
CA LEU A 33 -16.46 -6.90 10.76
C LEU A 33 -16.76 -6.51 12.19
N ALA A 34 -17.92 -6.97 12.63
CA ALA A 34 -18.33 -6.83 14.01
C ALA A 34 -17.26 -7.28 14.97
N GLU A 35 -16.72 -8.49 14.75
CA GLU A 35 -15.65 -9.05 15.58
C GLU A 35 -14.50 -8.05 15.67
N ILE A 36 -14.04 -7.62 14.50
CA ILE A 36 -12.91 -6.73 14.43
C ILE A 36 -13.22 -5.40 15.08
N ILE A 37 -14.39 -4.83 14.86
CA ILE A 37 -14.68 -3.58 15.51
C ILE A 37 -14.71 -3.71 17.04
N ALA A 38 -15.26 -4.81 17.52
CA ALA A 38 -15.30 -5.07 18.97
C ALA A 38 -13.91 -5.13 19.60
N GLU A 39 -12.98 -5.84 18.96
CA GLU A 39 -11.64 -5.95 19.52
C GLU A 39 -10.85 -4.65 19.39
N LYS A 40 -11.23 -3.78 18.47
CA LYS A 40 -10.43 -2.62 18.18
C LYS A 40 -11.26 -1.41 18.07
N SER A 41 -12.11 -1.19 19.05
CA SER A 41 -13.08 -0.07 18.96
C SER A 41 -12.42 1.28 19.22
N ARG A 42 -11.29 1.25 19.93
CA ARG A 42 -10.54 2.48 20.27
C ARG A 42 -9.16 2.27 19.76
N ILE A 43 -8.76 3.05 18.77
CA ILE A 43 -7.51 2.82 18.11
C ILE A 43 -7.25 4.02 17.25
N PHE A 44 -6.01 4.45 17.19
CA PHE A 44 -5.62 5.58 16.33
C PHE A 44 -6.38 6.87 16.65
N GLY A 45 -6.68 7.08 17.93
CA GLY A 45 -7.47 8.24 18.36
C GLY A 45 -8.93 8.27 17.95
N VAL A 46 -9.49 7.09 17.66
CA VAL A 46 -10.85 6.99 17.21
C VAL A 46 -11.56 6.09 18.18
N GLU A 47 -12.82 6.40 18.44
CA GLU A 47 -13.76 5.48 19.08
C GLU A 47 -14.84 5.18 18.04
N LEU A 48 -14.89 3.91 17.65
CA LEU A 48 -15.78 3.42 16.64
C LEU A 48 -17.08 2.98 17.29
N ASN A 49 -18.16 3.68 16.98
CA ASN A 49 -19.45 3.32 17.56
C ASN A 49 -20.50 2.88 16.54
N VAL A 50 -20.95 1.64 16.68
CA VAL A 50 -21.82 1.05 15.70
C VAL A 50 -23.25 1.30 16.12
N ILE A 51 -23.93 2.18 15.40
CA ILE A 51 -25.28 2.60 15.80
C ILE A 51 -26.41 1.88 15.11
N SER A 52 -26.21 1.36 13.91
CA SER A 52 -27.24 0.54 13.28
C SER A 52 -26.65 -0.56 12.45
N ILE A 53 -27.31 -1.71 12.49
CA ILE A 53 -27.02 -2.78 11.59
C ILE A 53 -28.30 -3.12 10.87
N THR A 54 -28.19 -3.42 9.58
CA THR A 54 -29.36 -3.71 8.77
C THR A 54 -29.14 -4.97 7.96
N ASP A 55 -30.12 -5.86 7.96
CA ASP A 55 -30.18 -6.89 6.93
C ASP A 55 -31.59 -6.92 6.34
N ARG A 56 -31.89 -8.01 5.62
CA ARG A 56 -33.19 -8.13 4.95
C ARG A 56 -34.30 -8.21 5.98
N SER A 57 -33.97 -8.76 7.15
CA SER A 57 -34.94 -8.85 8.24
C SER A 57 -35.30 -7.47 8.84
N GLY A 58 -34.58 -6.41 8.46
CA GLY A 58 -34.76 -5.07 9.07
C GLY A 58 -33.50 -4.49 9.73
N THR A 59 -33.68 -3.51 10.61
CA THR A 59 -32.61 -2.65 11.09
C THR A 59 -32.64 -2.47 12.59
N ILE A 60 -31.58 -2.84 13.30
CA ILE A 60 -31.46 -2.48 14.71
C ILE A 60 -30.70 -1.19 14.88
N TRP A 61 -31.06 -0.44 15.92
CA TRP A 61 -30.69 0.97 16.05
C TRP A 61 -30.64 1.44 17.53
N GLY A 62 -29.45 1.68 18.05
CA GLY A 62 -29.33 1.99 19.45
C GLY A 62 -28.07 1.60 20.21
N ASP A 63 -28.28 1.30 21.48
CA ASP A 63 -27.30 1.13 22.54
C ASP A 63 -26.86 -0.30 22.61
N PHE A 64 -27.29 -1.11 21.67
CA PHE A 64 -27.01 -2.55 21.69
C PHE A 64 -25.52 -2.93 21.63
N ASP A 65 -25.15 -3.96 22.38
CA ASP A 65 -23.81 -4.60 22.35
C ASP A 65 -23.53 -5.11 20.94
N LEU A 66 -22.40 -4.70 20.38
CA LEU A 66 -22.01 -5.11 19.04
C LEU A 66 -21.88 -6.62 18.89
N LEU A 67 -21.20 -7.31 19.80
CA LEU A 67 -20.92 -8.76 19.65
C LEU A 67 -22.17 -9.61 19.86
N GLU A 68 -23.12 -9.06 20.60
CA GLU A 68 -24.36 -9.76 20.89
C GLU A 68 -25.16 -9.89 19.61
N ALA A 69 -25.29 -8.77 18.91
CA ALA A 69 -25.95 -8.72 17.61
C ALA A 69 -25.29 -9.64 16.58
N LYS A 70 -23.96 -9.73 16.64
CA LYS A 70 -23.25 -10.68 15.81
C LYS A 70 -23.66 -12.09 16.17
N GLU A 71 -23.65 -12.34 17.48
CA GLU A 71 -24.03 -13.63 18.02
C GLU A 71 -25.43 -14.10 17.70
N VAL A 72 -26.44 -13.23 17.75
CA VAL A 72 -27.82 -13.68 17.50
C VAL A 72 -27.96 -13.97 16.01
N ALA A 73 -27.41 -13.11 15.17
CA ALA A 73 -27.48 -13.32 13.73
C ALA A 73 -26.70 -14.56 13.39
N GLU A 74 -25.54 -14.74 14.01
CA GLU A 74 -24.72 -15.93 13.78
C GLU A 74 -25.59 -17.17 13.80
N SER A 75 -26.23 -17.43 14.94
CA SER A 75 -26.95 -18.69 15.20
C SER A 75 -28.32 -18.73 14.53
N THR A 76 -29.10 -17.67 14.74
CA THR A 76 -30.50 -17.64 14.28
C THR A 76 -30.64 -17.37 12.78
N GLY A 77 -29.96 -16.36 12.27
CA GLY A 77 -30.02 -16.04 10.85
C GLY A 77 -30.57 -14.65 10.55
N LYS A 78 -31.08 -13.97 11.58
CA LYS A 78 -31.72 -12.67 11.45
C LYS A 78 -31.40 -11.77 12.66
N LEU A 79 -31.83 -10.51 12.55
CA LEU A 79 -31.54 -9.45 13.53
C LEU A 79 -32.68 -9.22 14.51
N SER A 80 -33.88 -9.57 14.07
CA SER A 80 -35.09 -9.33 14.86
C SER A 80 -35.09 -9.96 16.26
N ASN A 81 -34.24 -10.95 16.47
CA ASN A 81 -34.32 -11.82 17.64
C ASN A 81 -33.63 -11.31 18.92
N ILE A 82 -33.06 -10.10 18.83
CA ILE A 82 -32.34 -9.44 19.93
C ILE A 82 -33.25 -9.06 21.09
N GLY A 83 -32.65 -8.81 22.24
CA GLY A 83 -33.41 -8.33 23.37
C GLY A 83 -33.33 -6.85 23.62
N ASP A 84 -34.50 -6.23 23.68
CA ASP A 84 -34.66 -4.83 24.09
C ASP A 84 -34.51 -3.81 22.96
N TYR A 85 -34.45 -4.28 21.73
CA TYR A 85 -34.42 -3.37 20.58
C TYR A 85 -35.44 -3.76 19.54
N GLU A 86 -36.40 -2.90 19.24
CA GLU A 86 -37.36 -3.21 18.20
C GLU A 86 -36.60 -3.11 16.92
N VAL A 87 -36.82 -4.10 16.05
CA VAL A 87 -36.36 -4.06 14.68
C VAL A 87 -37.22 -3.09 13.87
N TYR A 88 -36.57 -2.18 13.16
CA TYR A 88 -37.24 -1.26 12.26
C TYR A 88 -37.14 -1.72 10.84
N ASN A 89 -38.20 -1.48 10.08
CA ASN A 89 -38.18 -1.88 8.70
C ASN A 89 -38.02 -0.64 7.89
N PHE A 90 -36.78 -0.39 7.51
CA PHE A 90 -36.35 0.88 6.95
C PHE A 90 -35.87 0.62 5.57
N SER A 91 -36.27 1.46 4.64
CA SER A 91 -35.62 1.38 3.33
C SER A 91 -34.20 1.96 3.47
N PRO A 92 -33.32 1.69 2.49
CA PRO A 92 -31.98 2.28 2.42
C PRO A 92 -31.95 3.81 2.56
N GLN A 93 -32.88 4.50 1.92
CA GLN A 93 -32.98 5.94 2.11
C GLN A 93 -33.43 6.31 3.53
N GLU A 94 -34.37 5.56 4.11
CA GLU A 94 -34.87 5.89 5.44
C GLU A 94 -33.79 5.68 6.45
N LEU A 95 -33.05 4.60 6.27
CA LEU A 95 -31.91 4.29 7.10
C LEU A 95 -30.91 5.46 7.21
N VAL A 96 -30.57 6.06 6.10
CA VAL A 96 -29.65 7.19 6.10
C VAL A 96 -30.26 8.40 6.81
N GLU A 97 -31.48 8.74 6.40
CA GLU A 97 -32.21 9.92 6.92
C GLU A 97 -32.52 9.83 8.40
N GLU A 98 -32.90 8.66 8.89
CA GLU A 98 -33.34 8.56 10.27
C GLU A 98 -32.18 8.22 11.23
N VAL A 99 -31.35 7.30 10.86
CA VAL A 99 -30.15 7.01 11.62
C VAL A 99 -29.08 8.10 11.62
N LYS A 100 -28.88 8.77 10.50
CA LYS A 100 -27.92 9.86 10.45
C LYS A 100 -26.50 9.51 10.93
N PRO A 101 -25.90 8.36 10.37
CA PRO A 101 -24.55 8.06 10.90
C PRO A 101 -23.44 8.90 10.29
N ASN A 102 -22.28 8.90 10.90
CA ASN A 102 -21.16 9.60 10.23
C ASN A 102 -20.65 8.82 9.02
N ILE A 103 -20.73 7.49 9.10
CA ILE A 103 -20.14 6.64 8.08
C ILE A 103 -21.07 5.52 7.77
N LEU A 104 -21.36 5.36 6.48
CA LEU A 104 -22.20 4.25 6.05
C LEU A 104 -21.31 3.13 5.51
N VAL A 105 -21.45 1.93 6.06
CA VAL A 105 -20.68 0.76 5.61
C VAL A 105 -21.52 -0.28 4.85
N ASP A 106 -21.31 -0.39 3.55
CA ASP A 106 -22.03 -1.38 2.76
C ASP A 106 -21.21 -2.64 2.61
N VAL A 107 -21.62 -3.68 3.30
CA VAL A 107 -21.10 -5.03 3.11
C VAL A 107 -22.24 -5.94 2.67
N SER A 108 -23.10 -5.48 1.78
CA SER A 108 -24.23 -6.27 1.33
C SER A 108 -24.02 -6.84 -0.05
N SER A 109 -24.91 -7.79 -0.45
CA SER A 109 -25.00 -8.24 -1.89
C SER A 109 -26.06 -7.52 -2.77
N TRP A 110 -26.38 -6.28 -2.43
CA TRP A 110 -27.30 -5.46 -3.21
C TRP A 110 -26.63 -4.73 -4.39
N ASP A 111 -26.80 -5.23 -5.61
CA ASP A 111 -26.17 -4.62 -6.81
C ASP A 111 -26.42 -3.10 -6.99
N GLU A 112 -27.60 -2.62 -6.55
CA GLU A 112 -28.04 -1.24 -6.84
C GLU A 112 -27.88 -0.26 -5.68
N ALA A 113 -26.94 -0.50 -4.79
CA ALA A 113 -26.79 0.29 -3.58
C ALA A 113 -26.24 1.66 -3.83
N HIS A 114 -25.90 1.94 -5.08
CA HIS A 114 -25.36 3.22 -5.39
C HIS A 114 -26.34 4.30 -5.08
N GLU A 115 -27.62 4.03 -5.26
CA GLU A 115 -28.60 5.07 -4.98
C GLU A 115 -28.58 5.47 -3.51
N MET A 116 -28.38 4.50 -2.64
CA MET A 116 -28.27 4.78 -1.22
C MET A 116 -26.99 5.57 -0.93
N TYR A 117 -25.91 5.23 -1.64
CA TYR A 117 -24.65 5.94 -1.45
C TYR A 117 -24.88 7.39 -1.73
N LYS A 118 -25.52 7.68 -2.87
CA LYS A 118 -25.89 9.06 -3.28
C LYS A 118 -26.62 9.83 -2.15
N VAL A 119 -27.54 9.15 -1.48
CA VAL A 119 -28.21 9.80 -0.36
C VAL A 119 -27.19 10.21 0.71
N ALA A 120 -26.47 9.23 1.27
CA ALA A 120 -25.49 9.49 2.35
C ALA A 120 -24.48 10.57 2.01
N LEU A 121 -23.94 10.46 0.84
CA LEU A 121 -22.91 11.39 0.43
C LEU A 121 -23.49 12.76 0.38
N GLY A 122 -24.73 12.85 -0.10
CA GLY A 122 -25.51 14.10 -0.05
C GLY A 122 -25.64 14.72 1.33
N GLU A 123 -25.72 13.90 2.38
CA GLU A 123 -25.66 14.41 3.77
C GLU A 123 -24.25 14.50 4.38
N GLY A 124 -23.20 14.42 3.55
CA GLY A 124 -21.81 14.44 4.02
C GLY A 124 -21.46 13.19 4.81
N ILE A 125 -22.24 12.14 4.63
CA ILE A 125 -21.95 10.87 5.24
C ILE A 125 -21.02 10.11 4.30
N SER A 126 -19.84 9.77 4.81
CA SER A 126 -18.84 9.02 4.04
C SER A 126 -19.26 7.55 3.90
N VAL A 127 -18.80 6.94 2.80
CA VAL A 127 -19.13 5.55 2.46
C VAL A 127 -17.93 4.59 2.37
N VAL A 128 -18.06 3.43 2.98
CA VAL A 128 -17.08 2.39 2.95
C VAL A 128 -17.77 1.16 2.45
N THR A 129 -17.19 0.45 1.49
CA THR A 129 -17.90 -0.67 0.93
C THR A 129 -16.97 -1.79 0.43
N SER A 130 -17.50 -3.01 0.44
CA SER A 130 -16.91 -4.15 -0.21
C SER A 130 -17.76 -4.59 -1.35
N ASN A 131 -18.75 -3.78 -1.63
CA ASN A 131 -19.74 -4.08 -2.68
C ASN A 131 -19.32 -3.48 -4.03
N LYS A 132 -19.09 -4.34 -5.03
CA LYS A 132 -18.42 -3.99 -6.29
C LYS A 132 -19.20 -3.17 -7.33
N PRO A 133 -20.40 -3.61 -7.74
CA PRO A 133 -21.09 -2.91 -8.85
C PRO A 133 -21.27 -1.39 -8.70
N PRO A 134 -21.57 -0.90 -7.50
CA PRO A 134 -21.75 0.54 -7.40
C PRO A 134 -20.48 1.31 -7.75
N ILE A 135 -19.32 0.78 -7.36
CA ILE A 135 -18.05 1.44 -7.62
C ILE A 135 -17.69 1.19 -9.08
N ALA A 136 -17.91 -0.02 -9.58
CA ALA A 136 -17.57 -0.28 -10.99
C ALA A 136 -18.40 0.60 -11.91
N ASN A 137 -19.66 0.83 -11.58
CA ASN A 137 -20.55 1.55 -12.48
C ASN A 137 -20.77 3.01 -12.21
N TYR A 138 -20.51 3.52 -11.00
CA TYR A 138 -20.91 4.90 -10.65
C TYR A 138 -19.80 5.71 -9.97
N TYR A 139 -18.58 5.25 -10.15
CA TYR A 139 -17.41 5.77 -9.42
C TYR A 139 -17.21 7.26 -9.54
N ASP A 140 -17.34 7.77 -10.75
CA ASP A 140 -17.22 9.21 -10.93
C ASP A 140 -18.37 9.97 -10.31
N GLU A 141 -19.58 9.46 -10.34
CA GLU A 141 -20.68 10.24 -9.76
C GLU A 141 -20.49 10.30 -8.29
N LEU A 142 -20.05 9.17 -7.76
CA LEU A 142 -19.86 9.06 -6.35
C LEU A 142 -18.71 9.93 -5.87
N MET A 143 -17.65 10.03 -6.65
CA MET A 143 -16.47 10.82 -6.24
C MET A 143 -16.80 12.30 -6.26
N ASN A 144 -17.49 12.73 -7.30
CA ASN A 144 -17.94 14.11 -7.43
C ASN A 144 -18.86 14.49 -6.26
N LEU A 145 -19.86 13.67 -5.98
CA LEU A 145 -20.73 13.90 -4.81
C LEU A 145 -19.97 14.00 -3.50
N ALA A 146 -19.08 13.06 -3.23
CA ALA A 146 -18.28 13.07 -2.00
C ALA A 146 -17.44 14.34 -1.83
N LYS A 147 -16.82 14.77 -2.93
CA LYS A 147 -16.01 15.97 -3.01
C LYS A 147 -16.89 17.20 -2.67
N GLU A 148 -18.04 17.34 -3.35
CA GLU A 148 -18.94 18.47 -3.07
C GLU A 148 -19.50 18.51 -1.64
N ASN A 149 -19.55 17.37 -0.92
CA ASN A 149 -20.03 17.31 0.46
C ASN A 149 -19.01 17.02 1.56
N ASN A 150 -17.74 17.36 1.34
CA ASN A 150 -16.70 17.18 2.37
C ASN A 150 -16.76 15.77 2.98
N ALA A 151 -16.84 14.80 2.08
CA ALA A 151 -17.01 13.39 2.43
C ALA A 151 -16.06 12.49 1.60
N GLY A 152 -15.91 11.25 2.01
CA GLY A 152 -15.07 10.35 1.24
C GLY A 152 -15.74 9.08 0.86
N ILE A 153 -15.12 8.34 -0.06
CA ILE A 153 -15.58 7.00 -0.40
C ILE A 153 -14.38 6.06 -0.48
N PHE A 154 -14.55 4.88 0.10
CA PHE A 154 -13.51 3.90 0.28
C PHE A 154 -14.00 2.50 -0.07
N PHE A 155 -13.21 1.76 -0.82
CA PHE A 155 -13.67 0.52 -1.41
C PHE A 155 -12.58 -0.52 -1.55
N GLU A 156 -11.75 -0.63 -0.54
CA GLU A 156 -10.59 -1.50 -0.58
C GLU A 156 -10.95 -2.93 -0.79
N SER A 157 -12.02 -3.36 -0.15
CA SER A 157 -12.33 -4.80 -0.21
C SER A 157 -13.17 -5.19 -1.42
N THR A 158 -13.35 -4.28 -2.35
CA THR A 158 -13.92 -4.62 -3.63
C THR A 158 -12.92 -5.29 -4.54
N VAL A 159 -11.62 -5.16 -4.25
CA VAL A 159 -10.62 -5.87 -5.04
C VAL A 159 -9.57 -6.51 -4.18
N MET A 160 -9.45 -7.83 -4.26
CA MET A 160 -8.51 -8.61 -3.49
C MET A 160 -8.77 -8.46 -2.00
N ALA A 161 -10.00 -8.13 -1.64
CA ALA A 161 -10.39 -8.06 -0.26
C ALA A 161 -9.42 -7.18 0.56
N GLY A 162 -8.95 -7.73 1.66
CA GLY A 162 -8.01 -7.13 2.57
C GLY A 162 -6.65 -6.91 2.02
N THR A 163 -6.33 -7.60 0.95
CA THR A 163 -5.02 -7.39 0.32
C THR A 163 -5.12 -5.99 -0.29
N PRO A 164 -4.30 -5.02 0.18
CA PRO A 164 -4.52 -3.62 -0.05
C PRO A 164 -4.09 -3.11 -1.41
N ILE A 165 -4.57 -3.75 -2.46
CA ILE A 165 -4.26 -3.27 -3.79
C ILE A 165 -4.82 -1.87 -3.99
N ILE A 166 -5.93 -1.57 -3.37
CA ILE A 166 -6.50 -0.24 -3.61
C ILE A 166 -5.64 0.82 -2.93
N GLY A 167 -5.15 0.54 -1.75
CA GLY A 167 -4.35 1.50 -1.01
C GLY A 167 -3.12 1.81 -1.83
N VAL A 168 -2.53 0.75 -2.37
CA VAL A 168 -1.34 0.86 -3.12
C VAL A 168 -1.55 1.74 -4.36
N LEU A 169 -2.63 1.49 -5.08
CA LEU A 169 -2.88 2.25 -6.32
C LEU A 169 -3.41 3.65 -6.06
N ARG A 170 -4.20 3.78 -5.01
CA ARG A 170 -4.96 5.00 -4.77
C ARG A 170 -4.22 6.06 -3.99
N GLU A 171 -3.40 5.65 -3.03
CA GLU A 171 -2.72 6.55 -2.07
C GLU A 171 -1.21 6.43 -2.15
N ASN A 172 -0.74 5.65 -3.10
CA ASN A 172 0.68 5.51 -3.32
C ASN A 172 0.94 5.48 -4.80
N LEU A 173 2.20 5.40 -5.15
CA LEU A 173 2.59 5.49 -6.53
C LEU A 173 2.07 6.80 -7.11
N LEU A 174 2.09 7.87 -6.32
CA LEU A 174 1.39 9.10 -6.71
C LEU A 174 2.13 9.90 -7.75
N GLY A 175 3.41 9.58 -7.94
CA GLY A 175 4.19 10.13 -9.04
C GLY A 175 4.28 9.24 -10.26
N GLU A 176 3.67 8.07 -10.22
CA GLU A 176 3.81 7.11 -11.28
C GLU A 176 2.79 7.34 -12.34
N ASN A 177 3.12 6.88 -13.55
CA ASN A 177 2.13 6.60 -14.57
C ASN A 177 2.00 5.10 -14.61
N ILE A 178 0.78 4.63 -14.37
CA ILE A 178 0.49 3.23 -14.40
C ILE A 178 0.34 2.69 -15.84
N LYS A 179 1.34 1.93 -16.24
CA LYS A 179 1.44 1.39 -17.59
C LYS A 179 0.44 0.26 -17.72
N ARG A 180 0.48 -0.69 -16.78
CA ARG A 180 -0.55 -1.67 -16.70
C ARG A 180 -0.61 -2.43 -15.43
N ILE A 181 -1.71 -3.18 -15.31
CA ILE A 181 -1.94 -4.08 -14.21
C ILE A 181 -2.45 -5.41 -14.78
N ASP A 182 -1.78 -6.48 -14.35
CA ASP A 182 -2.30 -7.82 -14.55
C ASP A 182 -2.59 -8.42 -13.20
N ALA A 183 -3.73 -9.08 -13.11
CA ALA A 183 -4.20 -9.57 -11.87
C ALA A 183 -5.04 -10.82 -12.03
N VAL A 184 -4.87 -11.75 -11.09
CA VAL A 184 -5.75 -12.90 -10.92
C VAL A 184 -6.46 -12.68 -9.61
N VAL A 185 -7.77 -12.52 -9.69
CA VAL A 185 -8.57 -12.09 -8.56
C VAL A 185 -9.70 -13.01 -8.17
N ASN A 186 -9.69 -14.25 -8.68
CA ASN A 186 -10.71 -15.27 -8.34
C ASN A 186 -10.18 -16.64 -7.97
N ALA A 187 -10.02 -16.91 -6.68
CA ALA A 187 -9.47 -18.21 -6.21
C ALA A 187 -10.30 -19.37 -6.71
N SER A 188 -11.58 -19.12 -6.87
CA SER A 188 -12.48 -20.15 -7.37
C SER A 188 -12.06 -20.67 -8.71
N THR A 189 -11.72 -19.76 -9.64
CA THR A 189 -11.30 -20.17 -10.99
C THR A 189 -9.93 -20.84 -11.02
N THR A 190 -9.05 -20.47 -10.11
CA THR A 190 -7.78 -21.15 -10.02
C THR A 190 -8.03 -22.63 -9.73
N PHE A 191 -8.93 -22.88 -8.80
CA PHE A 191 -9.22 -24.22 -8.37
C PHE A 191 -9.78 -24.98 -9.53
N ILE A 192 -10.80 -24.43 -10.17
CA ILE A 192 -11.43 -25.07 -11.31
C ILE A 192 -10.47 -25.36 -12.41
N LEU A 193 -9.64 -24.39 -12.79
CA LEU A 193 -8.73 -24.57 -13.91
C LEU A 193 -7.69 -25.59 -13.57
N THR A 194 -7.20 -25.55 -12.34
CA THR A 194 -6.29 -26.58 -11.85
C THR A 194 -6.94 -27.96 -12.00
N LYS A 195 -8.17 -28.12 -11.56
CA LYS A 195 -8.79 -29.43 -11.73
C LYS A 195 -9.00 -29.86 -13.19
N MET A 196 -9.48 -28.97 -14.04
CA MET A 196 -9.56 -29.28 -15.47
C MET A 196 -8.15 -29.71 -15.99
N SER A 197 -7.11 -29.08 -15.47
CA SER A 197 -5.71 -29.36 -15.80
C SER A 197 -5.33 -30.82 -15.56
N GLU A 198 -5.91 -31.39 -14.52
CA GLU A 198 -5.60 -32.75 -14.05
C GLU A 198 -6.54 -33.80 -14.63
N GLY A 199 -7.40 -33.41 -15.58
CA GLY A 199 -8.28 -34.37 -16.27
C GLY A 199 -9.76 -34.24 -15.95
N LYS A 200 -10.11 -33.48 -14.91
CA LYS A 200 -11.52 -33.34 -14.51
C LYS A 200 -12.36 -32.53 -15.48
N THR A 201 -13.63 -32.87 -15.66
CA THR A 201 -14.45 -32.03 -16.53
C THR A 201 -14.80 -30.73 -15.81
N LEU A 202 -15.23 -29.75 -16.59
CA LEU A 202 -15.64 -28.52 -16.01
C LEU A 202 -16.60 -28.80 -14.86
N ASP A 203 -17.63 -29.61 -15.12
CA ASP A 203 -18.79 -29.76 -14.19
C ASP A 203 -18.43 -30.47 -12.92
N ASP A 204 -17.56 -31.47 -13.04
CA ASP A 204 -17.02 -32.15 -11.91
C ASP A 204 -16.10 -31.29 -11.09
N ALA A 205 -15.31 -30.44 -11.75
CA ALA A 205 -14.51 -29.48 -11.03
C ALA A 205 -15.40 -28.51 -10.29
N ILE A 206 -16.47 -28.04 -10.94
CA ILE A 206 -17.41 -27.14 -10.26
C ILE A 206 -18.02 -27.80 -8.98
N GLU A 207 -18.54 -29.00 -9.12
CA GLU A 207 -19.14 -29.75 -8.00
C GLU A 207 -18.16 -30.01 -6.83
N GLU A 208 -16.90 -30.28 -7.14
CA GLU A 208 -15.89 -30.38 -6.09
C GLU A 208 -15.72 -29.04 -5.38
N ALA A 209 -15.78 -27.97 -6.13
CA ALA A 209 -15.58 -26.68 -5.53
C ALA A 209 -16.70 -26.36 -4.57
N LYS A 210 -17.93 -26.65 -4.98
CA LYS A 210 -19.11 -26.43 -4.11
C LYS A 210 -18.93 -27.22 -2.83
N SER A 211 -18.61 -28.49 -2.98
CA SER A 211 -18.52 -29.32 -1.82
C SER A 211 -17.43 -28.78 -0.89
N LEU A 212 -16.41 -28.09 -1.41
CA LEU A 212 -15.36 -27.57 -0.56
C LEU A 212 -15.68 -26.23 0.14
N GLY A 213 -16.79 -25.59 -0.21
CA GLY A 213 -17.08 -24.24 0.25
C GLY A 213 -16.57 -23.15 -0.70
N ILE A 214 -15.91 -23.55 -1.81
CA ILE A 214 -15.09 -22.63 -2.63
C ILE A 214 -15.96 -21.83 -3.58
N LEU A 215 -17.19 -22.29 -3.82
CA LEU A 215 -18.15 -21.69 -4.74
C LEU A 215 -19.53 -21.70 -4.13
N GLU A 216 -20.34 -20.75 -4.60
CA GLU A 216 -21.78 -20.68 -4.29
C GLU A 216 -22.60 -21.51 -5.28
N GLU A 217 -23.88 -21.75 -4.95
CA GLU A 217 -24.77 -22.61 -5.77
C GLU A 217 -24.95 -22.01 -7.17
N ASP A 218 -24.97 -20.66 -7.21
CA ASP A 218 -24.67 -19.88 -8.44
C ASP A 218 -23.22 -19.33 -8.44
N PRO A 219 -22.37 -20.03 -9.19
CA PRO A 219 -20.98 -19.66 -9.27
C PRO A 219 -20.74 -18.67 -10.43
N SER A 220 -21.80 -18.44 -11.21
CA SER A 220 -21.74 -17.83 -12.53
C SER A 220 -20.90 -16.57 -12.62
N LYS A 221 -21.02 -15.70 -11.65
CA LYS A 221 -20.34 -14.42 -11.72
C LYS A 221 -18.81 -14.57 -11.65
N ASP A 222 -18.36 -15.57 -10.90
CA ASP A 222 -16.94 -15.85 -10.83
C ASP A 222 -16.50 -16.61 -12.08
N ILE A 223 -17.23 -17.67 -12.40
CA ILE A 223 -16.91 -18.54 -13.53
C ILE A 223 -16.90 -17.80 -14.85
N ASP A 224 -17.77 -16.83 -15.04
CA ASP A 224 -17.91 -16.18 -16.36
C ASP A 224 -17.19 -14.84 -16.47
N GLY A 225 -16.37 -14.52 -15.47
CA GLY A 225 -15.59 -13.34 -15.50
C GLY A 225 -16.29 -12.05 -15.19
N ILE A 226 -17.50 -12.09 -14.65
CA ILE A 226 -18.22 -10.86 -14.36
C ILE A 226 -17.66 -10.17 -13.13
N ASP A 227 -17.35 -10.95 -12.09
CA ASP A 227 -16.66 -10.47 -10.87
C ASP A 227 -15.31 -9.82 -11.19
N ALA A 228 -14.47 -10.51 -11.94
CA ALA A 228 -13.15 -9.98 -12.32
C ALA A 228 -13.29 -8.73 -13.17
N TYR A 229 -14.31 -8.75 -14.02
CA TYR A 229 -14.57 -7.61 -14.86
C TYR A 229 -14.94 -6.40 -13.99
N TYR A 230 -15.80 -6.62 -13.00
CA TYR A 230 -16.10 -5.53 -12.06
C TYR A 230 -14.83 -5.01 -11.36
N LYS A 231 -14.04 -5.96 -10.86
CA LYS A 231 -12.75 -5.68 -10.27
C LYS A 231 -11.79 -4.91 -11.20
N ALA A 232 -11.72 -5.34 -12.47
CA ALA A 232 -10.85 -4.70 -13.46
C ALA A 232 -11.27 -3.24 -13.71
N LYS A 233 -12.56 -3.06 -13.69
CA LYS A 233 -13.16 -1.81 -13.90
C LYS A 233 -12.85 -0.85 -12.73
N ILE A 234 -13.00 -1.35 -11.51
CA ILE A 234 -12.54 -0.60 -10.36
C ILE A 234 -11.04 -0.19 -10.42
N LEU A 235 -10.16 -1.11 -10.77
CA LEU A 235 -8.74 -0.80 -10.88
C LEU A 235 -8.46 0.23 -11.96
N HIS A 236 -9.13 0.06 -13.07
CA HIS A 236 -9.07 1.06 -14.14
C HIS A 236 -9.48 2.47 -13.72
N TRP A 237 -10.56 2.58 -12.96
CA TRP A 237 -11.00 3.86 -12.39
C TRP A 237 -9.93 4.49 -11.52
N VAL A 238 -9.34 3.71 -10.63
CA VAL A 238 -8.36 4.24 -9.69
C VAL A 238 -7.11 4.72 -10.42
N SER A 239 -6.69 3.95 -11.39
CA SER A 239 -5.47 4.20 -12.12
C SER A 239 -5.57 5.35 -13.16
N TYR A 240 -6.72 5.53 -13.78
CA TYR A 240 -6.86 6.45 -14.90
C TYR A 240 -8.01 7.44 -14.75
N GLY A 241 -8.94 7.24 -13.82
CA GLY A 241 -9.87 8.29 -13.45
C GLY A 241 -11.01 8.48 -14.44
N GLU A 242 -11.30 7.44 -15.20
CA GLU A 242 -12.36 7.43 -16.17
C GLU A 242 -12.67 5.99 -16.61
N PRO A 243 -13.81 5.77 -17.28
CA PRO A 243 -14.08 4.41 -17.75
C PRO A 243 -13.19 4.01 -18.93
N PRO A 244 -13.05 2.72 -19.18
CA PRO A 244 -12.38 2.24 -20.37
C PRO A 244 -13.28 2.31 -21.60
N GLU A 245 -12.65 2.45 -22.77
CA GLU A 245 -13.30 2.43 -24.10
C GLU A 245 -13.40 1.02 -24.69
N GLU A 246 -12.36 0.21 -24.49
CA GLU A 246 -12.36 -1.19 -24.91
C GLU A 246 -12.58 -2.10 -23.73
N GLU A 247 -13.50 -3.03 -23.90
CA GLU A 247 -13.92 -3.93 -22.86
C GLU A 247 -14.01 -5.34 -23.45
N GLU A 248 -13.36 -6.32 -22.81
CA GLU A 248 -13.45 -7.69 -23.21
C GLU A 248 -13.66 -8.54 -21.96
N ARG A 249 -14.71 -9.37 -21.98
CA ARG A 249 -14.92 -10.31 -20.91
C ARG A 249 -15.10 -11.72 -21.44
N LEU A 250 -14.31 -12.65 -20.93
CA LEU A 250 -14.40 -14.04 -21.31
C LEU A 250 -14.10 -14.94 -20.08
N GLY A 251 -15.06 -15.76 -19.67
CA GLY A 251 -14.86 -16.66 -18.54
C GLY A 251 -14.10 -17.94 -18.86
N ILE A 252 -14.21 -18.91 -17.97
CA ILE A 252 -13.42 -20.13 -18.10
C ILE A 252 -14.18 -21.34 -18.65
N ARG A 253 -15.48 -21.19 -18.92
CA ARG A 253 -16.34 -22.34 -19.19
C ARG A 253 -15.84 -23.16 -20.33
N GLU A 254 -15.26 -22.50 -21.34
CA GLU A 254 -14.98 -23.14 -22.61
C GLU A 254 -13.52 -23.34 -22.87
N VAL A 255 -12.69 -23.16 -21.85
CA VAL A 255 -11.26 -23.51 -21.93
C VAL A 255 -11.16 -24.99 -22.24
N ARG A 256 -10.38 -25.34 -23.26
CA ARG A 256 -10.16 -26.76 -23.65
C ARG A 256 -8.91 -27.31 -23.02
N ASP A 257 -7.85 -26.51 -22.91
CA ASP A 257 -6.61 -26.90 -22.25
C ASP A 257 -6.27 -25.91 -21.13
N ALA A 258 -6.46 -26.34 -19.89
CA ALA A 258 -6.34 -25.48 -18.71
C ALA A 258 -4.94 -25.55 -18.12
N ARG A 259 -4.00 -26.17 -18.81
CA ARG A 259 -2.67 -26.27 -18.24
C ARG A 259 -2.00 -24.90 -18.08
N ASN A 260 -1.73 -24.59 -16.82
CA ASN A 260 -1.15 -23.33 -16.41
C ASN A 260 -1.94 -22.12 -16.80
N VAL A 261 -3.26 -22.28 -16.84
CA VAL A 261 -4.16 -21.21 -17.15
C VAL A 261 -4.74 -20.56 -15.88
N ARG A 262 -4.82 -19.23 -15.90
CA ARG A 262 -5.58 -18.50 -14.88
C ARG A 262 -6.51 -17.52 -15.54
N LEU A 263 -7.46 -17.01 -14.76
CA LEU A 263 -8.34 -16.02 -15.26
C LEU A 263 -7.76 -14.65 -14.90
N VAL A 264 -7.15 -14.00 -15.89
CA VAL A 264 -6.38 -12.80 -15.72
C VAL A 264 -7.15 -11.57 -16.19
N ALA A 265 -7.22 -10.60 -15.27
CA ALA A 265 -7.68 -9.25 -15.58
C ALA A 265 -6.46 -8.44 -15.99
N GLN A 266 -6.53 -7.90 -17.19
CA GLN A 266 -5.54 -6.97 -17.70
C GLN A 266 -6.11 -5.55 -17.84
N VAL A 267 -5.42 -4.59 -17.26
CA VAL A 267 -5.88 -3.22 -17.26
C VAL A 267 -4.80 -2.31 -17.82
N SER A 268 -5.16 -1.48 -18.77
CA SER A 268 -4.25 -0.47 -19.33
C SER A 268 -5.06 0.77 -19.63
N LYS A 269 -4.44 1.91 -19.84
CA LYS A 269 -5.23 3.11 -20.09
C LYS A 269 -6.23 2.87 -21.23
N GLY A 270 -7.50 3.14 -21.00
CA GLY A 270 -8.58 2.88 -21.96
C GLY A 270 -9.06 1.44 -22.19
N LYS A 271 -8.47 0.48 -21.48
CA LYS A 271 -8.64 -0.90 -21.81
C LYS A 271 -8.74 -1.86 -20.64
N ILE A 272 -9.82 -2.66 -20.62
CA ILE A 272 -9.91 -3.79 -19.72
C ILE A 272 -10.19 -5.07 -20.49
N SER A 273 -9.48 -6.12 -20.10
CA SER A 273 -9.65 -7.43 -20.71
C SER A 273 -9.49 -8.54 -19.65
N VAL A 274 -10.59 -9.24 -19.40
CA VAL A 274 -10.64 -10.44 -18.57
C VAL A 274 -10.78 -11.69 -19.42
N LYS A 275 -9.79 -12.56 -19.37
CA LYS A 275 -9.87 -13.78 -20.09
C LYS A 275 -8.86 -14.76 -19.57
N PRO A 276 -9.05 -16.04 -19.90
CA PRO A 276 -8.10 -17.06 -19.41
C PRO A 276 -6.82 -16.92 -20.15
N ARG A 277 -5.69 -16.93 -19.45
CA ARG A 277 -4.42 -16.84 -20.11
C ARG A 277 -3.50 -17.94 -19.63
N LYS A 278 -2.78 -18.54 -20.55
CA LYS A 278 -1.70 -19.45 -20.20
C LYS A 278 -0.48 -18.64 -19.75
N LEU A 279 0.09 -19.03 -18.62
CA LEU A 279 1.25 -18.35 -18.04
C LEU A 279 2.49 -19.27 -17.92
N SER A 280 3.67 -18.67 -18.04
CA SER A 280 4.94 -19.33 -17.74
C SER A 280 4.97 -19.81 -16.29
N SER A 281 5.74 -20.86 -16.00
CA SER A 281 5.83 -21.43 -14.62
C SER A 281 6.30 -20.49 -13.51
N ASP A 282 7.08 -19.48 -13.90
CA ASP A 282 7.70 -18.50 -13.01
C ASP A 282 6.89 -17.20 -12.92
N ASN A 283 5.81 -17.12 -13.70
CA ASN A 283 4.95 -15.94 -13.70
C ASN A 283 4.33 -15.76 -12.29
N PRO A 284 4.48 -14.59 -11.68
CA PRO A 284 3.81 -14.45 -10.37
C PRO A 284 2.29 -14.60 -10.39
N LEU A 285 1.66 -14.43 -11.55
CA LEU A 285 0.21 -14.61 -11.63
C LEU A 285 -0.25 -16.06 -11.51
N LEU A 286 0.72 -17.00 -11.51
CA LEU A 286 0.45 -18.41 -11.38
C LEU A 286 0.19 -18.76 -9.92
N VAL A 287 -0.91 -18.24 -9.43
CA VAL A 287 -1.24 -18.36 -8.03
C VAL A 287 -1.87 -19.74 -7.69
N GLU A 288 -1.82 -20.12 -6.42
CA GLU A 288 -2.45 -21.37 -5.90
C GLU A 288 -3.35 -21.03 -4.73
N GLY A 289 -4.35 -21.87 -4.50
CA GLY A 289 -5.15 -21.76 -3.33
C GLY A 289 -5.99 -20.51 -3.33
N VAL A 290 -6.09 -19.91 -2.15
CA VAL A 290 -6.88 -18.71 -1.94
C VAL A 290 -6.18 -17.46 -2.48
N GLN A 291 -4.96 -17.56 -2.96
CA GLN A 291 -4.13 -16.38 -3.08
C GLN A 291 -4.58 -15.62 -4.32
N ASN A 292 -4.62 -14.29 -4.21
CA ASN A 292 -4.78 -13.42 -5.35
C ASN A 292 -3.44 -12.74 -5.62
N ALA A 293 -3.30 -12.15 -6.80
CA ALA A 293 -2.11 -11.42 -7.14
C ALA A 293 -2.35 -10.30 -8.15
N ALA A 294 -1.54 -9.23 -7.99
CA ALA A 294 -1.47 -8.13 -8.94
C ALA A 294 -0.02 -7.78 -9.26
N VAL A 295 0.26 -7.61 -10.55
CA VAL A 295 1.52 -7.20 -11.04
C VAL A 295 1.26 -5.83 -11.62
N ILE A 296 1.91 -4.82 -11.06
CA ILE A 296 1.68 -3.44 -11.47
C ILE A 296 2.91 -2.90 -12.17
N ARG A 297 2.70 -2.34 -13.36
CA ARG A 297 3.81 -1.88 -14.19
C ARG A 297 3.67 -0.38 -14.28
N THR A 298 4.72 0.33 -13.87
CA THR A 298 4.75 1.81 -13.85
C THR A 298 6.04 2.33 -14.53
N ASN A 299 6.09 3.61 -14.80
CA ASN A 299 7.18 4.15 -15.59
C ASN A 299 8.48 4.17 -14.81
N ASN A 300 8.46 4.40 -13.52
CA ASN A 300 9.71 4.53 -12.74
C ASN A 300 10.15 3.27 -12.01
N LEU A 301 9.21 2.40 -11.68
CA LEU A 301 9.53 1.21 -10.86
C LEU A 301 9.63 -0.06 -11.64
N GLY A 302 9.16 -0.08 -12.89
CA GLY A 302 8.95 -1.36 -13.59
C GLY A 302 7.88 -2.18 -12.91
N GLU A 303 8.22 -3.31 -12.34
CA GLU A 303 7.20 -4.19 -11.72
C GLU A 303 7.14 -4.18 -10.19
N VAL A 304 5.93 -3.94 -9.71
CA VAL A 304 5.58 -4.07 -8.33
C VAL A 304 4.59 -5.19 -8.22
N ILE A 305 4.87 -6.13 -7.34
CA ILE A 305 4.05 -7.26 -7.20
C ILE A 305 3.43 -7.32 -5.83
N LEU A 306 2.12 -7.47 -5.79
CA LEU A 306 1.38 -7.53 -4.54
C LEU A 306 0.50 -8.76 -4.53
N LYS A 307 0.69 -9.59 -3.53
CA LYS A 307 -0.11 -10.82 -3.37
C LYS A 307 -0.62 -10.97 -1.95
N GLY A 308 -1.71 -11.68 -1.83
CA GLY A 308 -2.34 -11.95 -0.56
C GLY A 308 -3.69 -12.61 -0.77
N PRO A 309 -4.40 -12.94 0.33
CA PRO A 309 -5.68 -13.57 0.16
C PRO A 309 -6.75 -12.67 -0.52
N GLY A 310 -7.65 -13.30 -1.26
CA GLY A 310 -8.63 -12.56 -2.07
C GLY A 310 -10.05 -12.60 -1.56
N GLY A 311 -10.28 -13.42 -0.54
CA GLY A 311 -11.60 -13.58 0.04
C GLY A 311 -11.63 -14.20 1.42
N GLY A 312 -12.84 -14.32 1.95
CA GLY A 312 -13.01 -14.81 3.32
C GLY A 312 -13.56 -13.67 4.16
N GLY A 313 -14.22 -14.03 5.25
CA GLY A 313 -14.79 -13.08 6.16
C GLY A 313 -13.84 -12.11 6.82
N ARG A 314 -12.90 -12.61 7.63
CA ARG A 314 -11.98 -11.74 8.34
C ARG A 314 -11.03 -11.04 7.32
N VAL A 315 -10.71 -11.71 6.23
CA VAL A 315 -9.88 -11.16 5.16
C VAL A 315 -10.56 -9.95 4.55
N THR A 316 -11.85 -10.07 4.25
CA THR A 316 -12.63 -8.98 3.63
C THR A 316 -12.91 -7.84 4.63
N ALA A 317 -13.24 -8.24 5.85
CA ALA A 317 -13.49 -7.28 6.91
C ALA A 317 -12.26 -6.48 7.30
N SER A 318 -11.07 -7.05 7.09
CA SER A 318 -9.82 -6.33 7.39
C SER A 318 -9.75 -5.09 6.53
N GLY A 319 -10.08 -5.21 5.24
CA GLY A 319 -9.99 -4.07 4.36
C GLY A 319 -11.03 -3.01 4.66
N VAL A 320 -12.22 -3.46 5.03
CA VAL A 320 -13.31 -2.57 5.39
C VAL A 320 -12.97 -1.77 6.68
N PHE A 321 -12.36 -2.42 7.64
CA PHE A 321 -11.92 -1.74 8.85
C PHE A 321 -10.92 -0.63 8.55
N THR A 322 -9.91 -0.95 7.75
CA THR A 322 -8.97 0.07 7.29
C THR A 322 -9.72 1.27 6.74
N ASP A 323 -10.61 1.02 5.78
CA ASP A 323 -11.39 2.08 5.18
C ASP A 323 -12.21 2.85 6.21
N ILE A 324 -12.78 2.17 7.21
CA ILE A 324 -13.55 2.86 8.25
C ILE A 324 -12.65 3.91 8.96
N ILE A 325 -11.42 3.50 9.30
CA ILE A 325 -10.53 4.41 9.98
C ILE A 325 -10.27 5.64 9.10
N LYS A 326 -9.91 5.38 7.86
CA LYS A 326 -9.60 6.47 6.97
C LYS A 326 -10.82 7.40 6.75
N ALA A 327 -12.03 6.85 6.62
CA ALA A 327 -13.22 7.71 6.44
C ALA A 327 -13.40 8.60 7.67
N THR A 328 -13.28 8.01 8.85
CA THR A 328 -13.38 8.75 10.08
C THR A 328 -12.38 9.89 10.13
N LEU A 329 -11.16 9.62 9.70
CA LEU A 329 -10.08 10.63 9.73
C LEU A 329 -9.96 11.46 8.46
N LYS A 330 -10.95 11.37 7.60
CA LYS A 330 -11.03 12.22 6.42
C LYS A 330 -9.76 12.14 5.55
N PHE A 331 -9.23 10.94 5.41
CA PHE A 331 -8.19 10.69 4.45
C PHE A 331 -8.58 11.24 3.10
N PRO A 332 -7.70 12.00 2.45
CA PRO A 332 -7.95 12.42 1.06
C PRO A 332 -8.24 11.27 0.06
N ASN A 333 -9.06 11.56 -0.93
CA ASN A 333 -9.26 10.68 -2.08
C ASN A 333 -8.57 11.38 -3.27
N LEU A 334 -7.32 11.05 -3.57
CA LEU A 334 -6.63 11.69 -4.69
C LEU A 334 -6.91 11.02 -6.02
N ARG A 335 -7.24 9.75 -5.98
CA ARG A 335 -7.62 8.99 -7.17
C ARG A 335 -8.89 8.25 -6.75
N MET B 17 -3.59 25.00 -4.84
CA MET B 17 -2.66 25.46 -3.76
C MET B 17 -1.19 25.26 -4.15
N LYS B 18 -0.33 26.20 -3.73
CA LYS B 18 1.10 26.18 -4.02
C LYS B 18 1.89 25.74 -2.77
N VAL B 19 2.96 24.99 -2.95
CA VAL B 19 3.76 24.57 -1.80
C VAL B 19 5.23 24.81 -2.14
N ASN B 20 6.01 25.24 -1.16
CA ASN B 20 7.43 25.48 -1.40
C ASN B 20 8.30 24.39 -0.80
N ILE B 21 9.27 23.96 -1.58
CA ILE B 21 10.05 22.79 -1.23
C ILE B 21 11.52 23.10 -1.29
N SER B 22 12.20 22.87 -0.17
CA SER B 22 13.66 22.85 -0.10
C SER B 22 14.12 21.38 -0.24
N ILE B 23 14.97 21.10 -1.21
CA ILE B 23 15.54 19.81 -1.38
C ILE B 23 16.88 19.84 -0.73
N PHE B 24 17.12 18.90 0.17
CA PHE B 24 18.40 18.87 0.87
C PHE B 24 19.17 17.62 0.47
N GLY B 25 20.26 17.83 -0.23
CA GLY B 25 21.01 16.80 -0.88
C GLY B 25 20.66 16.84 -2.33
N PHE B 26 21.63 16.56 -3.17
CA PHE B 26 21.41 16.62 -4.59
C PHE B 26 22.29 15.67 -5.36
N GLY B 27 22.22 14.38 -5.06
CA GLY B 27 23.00 13.37 -5.73
C GLY B 27 22.15 12.55 -6.64
N THR B 28 22.46 11.28 -6.81
CA THR B 28 21.60 10.43 -7.64
C THR B 28 20.12 10.71 -7.35
N VAL B 29 19.72 10.67 -6.07
CA VAL B 29 18.28 10.61 -5.75
C VAL B 29 17.64 11.97 -5.93
N GLY B 30 18.30 12.98 -5.41
CA GLY B 30 17.86 14.35 -5.62
C GLY B 30 17.73 14.83 -7.07
N ARG B 31 18.59 14.35 -7.94
CA ARG B 31 18.54 14.83 -9.33
C ARG B 31 17.42 14.15 -10.06
N ALA B 32 17.15 12.92 -9.69
CA ALA B 32 16.05 12.15 -10.26
C ALA B 32 14.75 12.79 -9.78
N LEU B 33 14.73 13.25 -8.53
CA LEU B 33 13.51 13.87 -7.99
C LEU B 33 13.15 15.18 -8.70
N ALA B 34 14.17 15.90 -9.10
CA ALA B 34 13.95 17.14 -9.80
C ALA B 34 13.30 16.85 -11.13
N GLU B 35 13.70 15.76 -11.78
CA GLU B 35 13.07 15.36 -13.02
C GLU B 35 11.61 15.09 -12.75
N ILE B 36 11.32 14.35 -11.68
CA ILE B 36 9.95 13.88 -11.50
C ILE B 36 9.08 15.07 -11.20
N ILE B 37 9.57 15.93 -10.33
CA ILE B 37 8.85 17.14 -9.99
C ILE B 37 8.65 18.02 -11.24
N ALA B 38 9.69 18.19 -12.02
CA ALA B 38 9.54 19.02 -13.20
C ALA B 38 8.48 18.46 -14.12
N GLU B 39 8.39 17.14 -14.26
CA GLU B 39 7.43 16.51 -15.17
C GLU B 39 6.00 16.54 -14.62
N LYS B 40 5.88 16.69 -13.31
CA LYS B 40 4.59 16.64 -12.64
C LYS B 40 4.48 17.70 -11.53
N SER B 41 4.77 18.94 -11.86
CA SER B 41 4.78 19.99 -10.85
C SER B 41 3.37 20.42 -10.53
N ARG B 42 2.42 20.19 -11.44
CA ARG B 42 1.00 20.49 -11.19
C ARG B 42 0.17 19.20 -11.24
N ILE B 43 -0.30 18.76 -10.09
CA ILE B 43 -0.92 17.45 -10.01
C ILE B 43 -1.73 17.40 -8.75
N PHE B 44 -2.87 16.72 -8.77
CA PHE B 44 -3.71 16.63 -7.56
C PHE B 44 -4.07 18.00 -6.97
N GLY B 45 -4.34 18.99 -7.84
CA GLY B 45 -4.71 20.35 -7.39
C GLY B 45 -3.64 21.05 -6.55
N VAL B 46 -2.38 20.74 -6.83
CA VAL B 46 -1.23 21.21 -6.05
C VAL B 46 -0.29 21.74 -7.10
N GLU B 47 0.51 22.73 -6.72
CA GLU B 47 1.68 23.14 -7.50
C GLU B 47 2.93 22.99 -6.64
N LEU B 48 3.91 22.29 -7.17
CA LEU B 48 5.16 22.02 -6.47
C LEU B 48 6.19 23.00 -6.96
N ASN B 49 6.74 23.76 -6.04
CA ASN B 49 7.73 24.73 -6.35
C ASN B 49 8.95 24.45 -5.47
N VAL B 50 10.07 24.22 -6.16
CA VAL B 50 11.32 24.05 -5.50
C VAL B 50 11.99 25.41 -5.34
N ILE B 51 12.00 25.93 -4.12
CA ILE B 51 12.64 27.20 -3.83
C ILE B 51 14.07 27.05 -3.39
N SER B 52 14.50 25.86 -3.00
CA SER B 52 15.92 25.68 -2.77
C SER B 52 16.45 24.28 -2.96
N ILE B 53 17.75 24.23 -3.24
CA ILE B 53 18.49 23.01 -3.36
C ILE B 53 19.80 23.17 -2.64
N THR B 54 20.26 22.13 -1.97
CA THR B 54 21.48 22.15 -1.16
C THR B 54 22.36 20.93 -1.35
N ASP B 55 23.64 21.15 -1.51
CA ASP B 55 24.62 20.10 -1.42
C ASP B 55 25.72 20.61 -0.49
N ARG B 56 26.81 19.89 -0.39
CA ARG B 56 27.90 20.31 0.45
C ARG B 56 28.48 21.64 -0.02
N SER B 57 28.54 21.84 -1.32
CA SER B 57 29.11 23.08 -1.84
C SER B 57 28.28 24.33 -1.47
N GLY B 58 26.96 24.22 -1.46
CA GLY B 58 26.11 25.29 -0.91
C GLY B 58 24.62 25.16 -1.22
N THR B 59 23.91 26.27 -1.12
CA THR B 59 22.48 26.37 -1.37
C THR B 59 22.13 27.41 -2.45
N ILE B 60 21.33 27.02 -3.43
CA ILE B 60 20.70 28.01 -4.29
C ILE B 60 19.28 28.28 -3.77
N TRP B 61 18.86 29.55 -3.82
CA TRP B 61 17.62 29.98 -3.21
C TRP B 61 16.95 31.11 -4.00
N GLY B 62 15.88 30.79 -4.73
CA GLY B 62 15.13 31.78 -5.47
C GLY B 62 14.27 31.21 -6.57
N ASP B 63 14.39 31.77 -7.78
CA ASP B 63 13.45 31.53 -8.89
C ASP B 63 14.04 30.63 -10.01
N PHE B 64 15.01 29.81 -9.65
CA PHE B 64 15.78 29.03 -10.63
C PHE B 64 14.93 27.98 -11.30
N ASP B 65 15.40 27.54 -12.47
CA ASP B 65 14.72 26.50 -13.22
C ASP B 65 15.24 25.19 -12.67
N LEU B 66 14.30 24.32 -12.32
CA LEU B 66 14.61 23.03 -11.68
C LEU B 66 15.42 22.08 -12.59
N LEU B 67 15.00 21.87 -13.85
CA LEU B 67 15.82 21.01 -14.73
C LEU B 67 17.18 21.61 -15.10
N GLU B 68 17.22 22.94 -15.20
CA GLU B 68 18.47 23.66 -15.46
C GLU B 68 19.47 23.37 -14.33
N ALA B 69 18.98 23.38 -13.10
CA ALA B 69 19.83 23.13 -11.93
C ALA B 69 20.34 21.69 -11.89
N LYS B 70 19.48 20.78 -12.34
CA LYS B 70 19.83 19.39 -12.44
C LYS B 70 20.89 19.22 -13.48
N GLU B 71 20.71 19.88 -14.63
CA GLU B 71 21.69 19.73 -15.72
C GLU B 71 23.07 20.18 -15.28
N VAL B 72 23.14 21.40 -14.77
CA VAL B 72 24.42 22.00 -14.39
C VAL B 72 25.13 21.21 -13.29
N ALA B 73 24.37 20.63 -12.39
CA ALA B 73 24.91 19.75 -11.36
C ALA B 73 25.33 18.40 -11.95
N GLU B 74 24.59 17.93 -12.94
CA GLU B 74 24.92 16.68 -13.61
C GLU B 74 26.32 16.74 -14.28
N SER B 75 26.57 17.82 -15.02
CA SER B 75 27.85 17.99 -15.72
C SER B 75 29.00 18.33 -14.77
N THR B 76 28.75 19.23 -13.83
CA THR B 76 29.79 19.84 -13.02
C THR B 76 29.92 19.27 -11.61
N GLY B 77 28.88 18.61 -11.15
CA GLY B 77 28.89 18.02 -9.81
C GLY B 77 28.78 19.02 -8.68
N LYS B 78 28.25 20.21 -8.97
CA LYS B 78 27.96 21.20 -7.91
C LYS B 78 27.07 22.34 -8.40
N LEU B 79 26.41 22.98 -7.43
CA LEU B 79 25.39 24.00 -7.68
C LEU B 79 25.98 25.39 -7.97
N SER B 80 27.29 25.53 -7.73
CA SER B 80 28.03 26.78 -7.94
C SER B 80 27.94 27.31 -9.36
N ASN B 81 28.03 26.41 -10.34
CA ASN B 81 28.19 26.85 -11.73
C ASN B 81 26.97 27.58 -12.30
N ILE B 82 25.78 27.35 -11.72
CA ILE B 82 24.54 27.96 -12.21
C ILE B 82 24.80 29.40 -12.61
N GLY B 83 24.43 29.74 -13.84
CA GLY B 83 24.49 31.11 -14.31
C GLY B 83 23.44 31.96 -13.61
N ASP B 84 23.89 33.10 -13.09
CA ASP B 84 23.01 34.19 -12.62
C ASP B 84 22.15 33.90 -11.38
N TYR B 85 22.28 32.72 -10.81
CA TYR B 85 21.85 32.47 -9.43
C TYR B 85 23.15 32.30 -8.66
N GLU B 86 23.17 32.80 -7.42
CA GLU B 86 24.39 32.81 -6.61
C GLU B 86 24.18 32.02 -5.30
N VAL B 87 25.28 31.44 -4.82
CA VAL B 87 25.30 30.43 -3.74
C VAL B 87 25.33 31.02 -2.33
N TYR B 88 24.67 30.35 -1.39
CA TYR B 88 24.63 30.77 0.00
C TYR B 88 25.21 29.67 0.90
N ASN B 89 26.08 30.03 1.84
CA ASN B 89 26.71 29.06 2.74
C ASN B 89 25.87 28.98 4.00
N PHE B 90 24.72 28.34 3.88
CA PHE B 90 23.86 28.13 5.04
C PHE B 90 24.23 26.86 5.77
N SER B 91 24.13 26.90 7.09
CA SER B 91 24.11 25.70 7.89
C SER B 91 22.73 25.13 7.70
N PRO B 92 22.54 23.84 8.04
CA PRO B 92 21.23 23.26 7.99
C PRO B 92 20.20 24.06 8.73
N GLN B 93 20.54 24.51 9.92
CA GLN B 93 19.63 25.29 10.73
C GLN B 93 19.29 26.63 10.10
N GLU B 94 20.29 27.29 9.53
CA GLU B 94 20.06 28.57 8.86
C GLU B 94 19.16 28.40 7.63
N LEU B 95 19.48 27.42 6.81
CA LEU B 95 18.67 27.12 5.60
C LEU B 95 17.17 27.05 5.86
N VAL B 96 16.78 26.29 6.88
CA VAL B 96 15.39 26.21 7.30
C VAL B 96 14.86 27.55 7.82
N GLU B 97 15.68 28.19 8.65
CA GLU B 97 15.27 29.42 9.33
C GLU B 97 15.08 30.56 8.35
N GLU B 98 15.89 30.57 7.30
CA GLU B 98 15.93 31.64 6.32
C GLU B 98 15.01 31.40 5.13
N VAL B 99 15.05 30.19 4.59
CA VAL B 99 14.19 29.82 3.45
C VAL B 99 12.74 29.54 3.83
N LYS B 100 12.49 28.98 5.01
CA LYS B 100 11.11 28.79 5.49
C LYS B 100 10.22 28.11 4.44
N PRO B 101 10.63 26.93 3.94
CA PRO B 101 9.82 26.19 2.98
C PRO B 101 8.63 25.59 3.68
N ASN B 102 7.63 25.13 2.96
CA ASN B 102 6.59 24.33 3.64
C ASN B 102 7.05 22.89 3.84
N ILE B 103 7.93 22.43 2.95
CA ILE B 103 8.35 21.07 2.97
C ILE B 103 9.85 20.99 2.82
N LEU B 104 10.46 20.25 3.73
CA LEU B 104 11.87 19.99 3.64
C LEU B 104 12.08 18.53 3.22
N VAL B 105 12.76 18.34 2.10
CA VAL B 105 12.97 17.04 1.52
C VAL B 105 14.44 16.64 1.66
N ASP B 106 14.75 15.70 2.53
CA ASP B 106 16.12 15.24 2.73
C ASP B 106 16.45 14.05 1.85
N VAL B 107 17.25 14.25 0.83
CA VAL B 107 17.70 13.12 0.02
C VAL B 107 19.21 13.06 0.03
N SER B 108 19.78 13.31 1.20
CA SER B 108 21.23 13.33 1.40
C SER B 108 21.76 12.10 2.13
N SER B 109 23.09 12.02 2.21
CA SER B 109 23.80 10.97 3.00
C SER B 109 24.32 11.46 4.37
N TRP B 110 23.66 12.48 4.91
CA TRP B 110 24.03 13.06 6.18
C TRP B 110 23.40 12.29 7.33
N ASP B 111 24.13 11.38 7.92
CA ASP B 111 23.57 10.51 8.96
C ASP B 111 22.91 11.23 10.12
N GLU B 112 23.44 12.40 10.47
CA GLU B 112 23.09 13.08 11.71
C GLU B 112 22.09 14.21 11.44
N ALA B 113 21.32 14.02 10.37
CA ALA B 113 20.27 14.91 9.88
C ALA B 113 19.06 15.08 10.80
N HIS B 114 18.92 14.28 11.83
CA HIS B 114 17.79 14.47 12.75
C HIS B 114 17.69 15.84 13.42
N GLU B 115 18.82 16.51 13.58
CA GLU B 115 18.86 17.81 14.23
C GLU B 115 18.23 18.84 13.32
N MET B 116 18.61 18.83 12.05
CA MET B 116 17.91 19.64 11.07
C MET B 116 16.40 19.39 11.04
N TYR B 117 15.98 18.13 11.18
CA TYR B 117 14.54 17.81 11.12
C TYR B 117 13.84 18.43 12.32
N LYS B 118 14.45 18.28 13.49
CA LYS B 118 13.87 18.87 14.71
C LYS B 118 13.53 20.37 14.51
N VAL B 119 14.42 21.08 13.85
CA VAL B 119 14.27 22.52 13.66
C VAL B 119 13.09 22.77 12.74
N ALA B 120 13.12 22.11 11.59
CA ALA B 120 12.01 22.21 10.64
C ALA B 120 10.64 21.90 11.22
N LEU B 121 10.56 20.80 11.95
CA LEU B 121 9.30 20.42 12.57
C LEU B 121 8.85 21.41 13.65
N GLY B 122 9.82 21.97 14.37
CA GLY B 122 9.56 23.10 15.32
C GLY B 122 8.78 24.25 14.69
N GLU B 123 9.12 24.62 13.46
CA GLU B 123 8.38 25.62 12.69
C GLU B 123 7.16 25.09 11.95
N GLY B 124 6.69 23.88 12.25
CA GLY B 124 5.59 23.26 11.49
C GLY B 124 5.89 23.04 10.00
N ILE B 125 7.17 22.90 9.66
CA ILE B 125 7.57 22.48 8.31
C ILE B 125 7.64 20.93 8.29
N SER B 126 6.84 20.29 7.43
CA SER B 126 6.89 18.84 7.28
C SER B 126 8.20 18.34 6.62
N VAL B 127 8.56 17.11 6.94
CA VAL B 127 9.78 16.51 6.41
C VAL B 127 9.48 15.26 5.62
N VAL B 128 10.11 15.19 4.48
CA VAL B 128 10.14 14.02 3.66
C VAL B 128 11.59 13.55 3.52
N THR B 129 11.85 12.27 3.76
CA THR B 129 13.23 11.80 3.62
C THR B 129 13.35 10.40 3.03
N SER B 130 14.53 10.14 2.46
CA SER B 130 14.98 8.79 2.08
C SER B 130 16.20 8.35 2.87
N ASN B 131 16.48 9.09 3.93
CA ASN B 131 17.74 8.98 4.68
C ASN B 131 17.45 8.19 5.93
N LYS B 132 18.03 7.02 6.09
CA LYS B 132 17.53 6.13 7.13
C LYS B 132 17.81 6.51 8.63
N PRO B 133 19.07 6.78 8.99
CA PRO B 133 19.37 6.85 10.44
C PRO B 133 18.52 7.78 11.28
N PRO B 134 18.19 8.95 10.78
CA PRO B 134 17.29 9.79 11.54
C PRO B 134 15.96 9.15 11.87
N ILE B 135 15.44 8.31 10.97
CA ILE B 135 14.17 7.63 11.25
C ILE B 135 14.41 6.42 12.16
N ALA B 136 15.42 5.63 11.85
CA ALA B 136 15.75 4.49 12.69
C ALA B 136 16.09 4.88 14.13
N ASN B 137 16.83 5.97 14.31
CA ASN B 137 17.28 6.34 15.66
C ASN B 137 16.40 7.29 16.46
N TYR B 138 15.65 8.16 15.78
CA TYR B 138 14.87 9.22 16.47
C TYR B 138 13.40 9.23 16.10
N TYR B 139 12.90 8.10 15.64
CA TYR B 139 11.50 8.00 15.22
C TYR B 139 10.48 8.62 16.18
N ASP B 140 10.53 8.23 17.45
CA ASP B 140 9.61 8.73 18.46
C ASP B 140 9.72 10.23 18.66
N GLU B 141 10.92 10.76 18.87
CA GLU B 141 10.98 12.21 19.11
C GLU B 141 10.40 12.97 17.93
N LEU B 142 10.68 12.49 16.72
CA LEU B 142 10.34 13.21 15.51
C LEU B 142 8.85 13.19 15.30
N MET B 143 8.20 12.06 15.62
CA MET B 143 6.76 11.92 15.53
C MET B 143 6.04 12.85 16.51
N ASN B 144 6.49 12.86 17.77
CA ASN B 144 5.89 13.71 18.81
C ASN B 144 6.03 15.18 18.42
N LEU B 145 7.24 15.60 18.15
CA LEU B 145 7.49 16.91 17.60
C LEU B 145 6.59 17.27 16.40
N ALA B 146 6.48 16.37 15.43
CA ALA B 146 5.54 16.58 14.29
C ALA B 146 4.08 16.83 14.69
N LYS B 147 3.55 16.01 15.59
CA LYS B 147 2.16 16.09 16.01
C LYS B 147 1.94 17.41 16.72
N GLU B 148 2.86 17.73 17.62
CA GLU B 148 2.88 19.02 18.33
C GLU B 148 2.92 20.27 17.44
N ASN B 149 3.39 20.19 16.17
CA ASN B 149 3.42 21.37 15.31
C ASN B 149 2.59 21.27 14.05
N ASN B 150 1.51 20.50 14.12
CA ASN B 150 0.60 20.31 13.00
C ASN B 150 1.39 20.08 11.68
N ALA B 151 2.31 19.13 11.75
CA ALA B 151 3.20 18.82 10.63
C ALA B 151 3.31 17.29 10.53
N GLY B 152 4.04 16.82 9.51
CA GLY B 152 4.11 15.36 9.24
C GLY B 152 5.52 14.93 8.89
N ILE B 153 5.81 13.65 9.13
CA ILE B 153 7.06 13.07 8.67
C ILE B 153 6.84 11.85 7.74
N PHE B 154 7.58 11.80 6.65
CA PHE B 154 7.40 10.80 5.61
C PHE B 154 8.70 10.14 5.17
N PHE B 155 8.75 8.82 5.15
CA PHE B 155 9.98 8.12 4.91
C PHE B 155 9.96 6.87 4.03
N GLU B 156 9.12 6.84 3.03
CA GLU B 156 8.84 5.65 2.26
C GLU B 156 10.08 5.07 1.60
N SER B 157 10.93 5.92 1.07
CA SER B 157 12.09 5.42 0.34
C SER B 157 13.26 5.01 1.27
N THR B 158 13.08 5.08 2.59
CA THR B 158 14.02 4.50 3.51
C THR B 158 13.94 3.00 3.53
N VAL B 159 12.86 2.42 2.99
CA VAL B 159 12.75 0.96 2.86
C VAL B 159 12.18 0.49 1.50
N MET B 160 12.97 -0.32 0.81
CA MET B 160 12.67 -0.89 -0.48
C MET B 160 12.37 0.27 -1.44
N ALA B 161 12.97 1.40 -1.18
CA ALA B 161 12.79 2.56 -2.02
C ALA B 161 11.33 2.93 -2.33
N GLY B 162 11.05 3.09 -3.61
CA GLY B 162 9.77 3.38 -4.17
C GLY B 162 8.74 2.32 -4.01
N THR B 163 9.17 1.08 -3.88
CA THR B 163 8.21 -0.01 -3.62
C THR B 163 7.51 0.30 -2.29
N PRO B 164 6.18 0.41 -2.30
CA PRO B 164 5.54 1.12 -1.17
C PRO B 164 5.25 0.25 0.08
N ILE B 165 6.25 -0.43 0.57
CA ILE B 165 6.11 -1.15 1.80
C ILE B 165 5.78 -0.26 2.99
N ILE B 166 6.29 0.95 3.02
CA ILE B 166 5.97 1.85 4.14
C ILE B 166 4.52 2.30 4.05
N GLY B 167 4.05 2.65 2.86
CA GLY B 167 2.63 2.93 2.71
C GLY B 167 1.78 1.78 3.19
N VAL B 168 2.12 0.58 2.77
CA VAL B 168 1.31 -0.54 3.10
C VAL B 168 1.22 -0.68 4.64
N LEU B 169 2.34 -0.65 5.34
CA LEU B 169 2.39 -0.71 6.79
C LEU B 169 1.83 0.44 7.58
N ARG B 170 2.13 1.65 7.13
CA ARG B 170 1.70 2.86 7.77
C ARG B 170 0.25 3.24 7.69
N GLU B 171 -0.33 3.04 6.52
CA GLU B 171 -1.62 3.55 6.21
C GLU B 171 -2.57 2.45 5.88
N ASN B 172 -2.11 1.22 5.90
CA ASN B 172 -3.01 0.11 5.61
C ASN B 172 -2.88 -1.00 6.67
N LEU B 173 -3.62 -2.07 6.45
CA LEU B 173 -3.65 -3.14 7.42
C LEU B 173 -3.94 -2.53 8.76
N LEU B 174 -4.82 -1.53 8.80
CA LEU B 174 -5.03 -0.82 10.06
C LEU B 174 -5.78 -1.61 11.12
N GLY B 175 -6.38 -2.74 10.79
CA GLY B 175 -7.01 -3.59 11.83
C GLY B 175 -6.30 -4.89 12.11
N GLU B 176 -5.07 -4.99 11.66
CA GLU B 176 -4.36 -6.24 11.70
C GLU B 176 -3.42 -6.23 12.89
N ASN B 177 -3.07 -7.39 13.36
CA ASN B 177 -1.90 -7.49 14.19
C ASN B 177 -0.83 -8.08 13.33
N ILE B 178 0.22 -7.33 13.18
CA ILE B 178 1.35 -7.72 12.42
C ILE B 178 2.16 -8.68 13.25
N LYS B 179 2.18 -9.96 12.93
CA LYS B 179 2.95 -10.92 13.69
C LYS B 179 4.40 -10.91 13.26
N ARG B 180 4.67 -10.60 12.00
CA ARG B 180 6.02 -10.72 11.49
C ARG B 180 6.19 -10.06 10.16
N ILE B 181 7.36 -9.50 9.93
CA ILE B 181 7.75 -9.04 8.62
C ILE B 181 9.10 -9.65 8.30
N ASP B 182 9.22 -10.35 7.18
CA ASP B 182 10.53 -10.76 6.68
C ASP B 182 10.83 -10.06 5.37
N ALA B 183 12.03 -9.58 5.17
CA ALA B 183 12.30 -8.86 3.93
C ALA B 183 13.71 -9.02 3.43
N VAL B 184 13.87 -9.07 2.12
CA VAL B 184 15.17 -9.00 1.49
C VAL B 184 15.28 -7.67 0.84
N VAL B 185 16.19 -6.87 1.35
CA VAL B 185 16.29 -5.51 1.02
C VAL B 185 17.65 -5.04 0.44
N ASN B 186 18.60 -5.98 0.24
CA ASN B 186 19.87 -5.67 -0.43
C ASN B 186 20.17 -6.52 -1.62
N ALA B 187 19.97 -5.93 -2.77
CA ALA B 187 20.17 -6.62 -4.01
C ALA B 187 21.61 -7.12 -4.14
N SER B 188 22.55 -6.34 -3.65
CA SER B 188 23.95 -6.69 -3.79
C SER B 188 24.23 -8.03 -3.13
N THR B 189 23.56 -8.32 -2.02
CA THR B 189 23.87 -9.54 -1.29
C THR B 189 23.26 -10.76 -1.96
N THR B 190 22.14 -10.56 -2.65
CA THR B 190 21.59 -11.61 -3.48
C THR B 190 22.54 -11.93 -4.62
N PHE B 191 23.22 -10.88 -5.09
CA PHE B 191 24.22 -11.11 -6.13
C PHE B 191 25.39 -11.94 -5.62
N ILE B 192 25.93 -11.53 -4.47
CA ILE B 192 27.06 -12.17 -3.85
C ILE B 192 26.69 -13.60 -3.56
N LEU B 193 25.50 -13.83 -3.03
CA LEU B 193 25.12 -15.19 -2.66
C LEU B 193 24.94 -16.06 -3.87
N THR B 194 24.46 -15.47 -4.93
CA THR B 194 24.26 -16.22 -6.14
C THR B 194 25.61 -16.59 -6.73
N LYS B 195 26.55 -15.66 -6.73
CA LYS B 195 27.85 -16.05 -7.26
C LYS B 195 28.47 -17.21 -6.44
N MET B 196 28.30 -17.17 -5.11
CA MET B 196 28.87 -18.18 -4.26
C MET B 196 28.24 -19.52 -4.60
N SER B 197 26.92 -19.54 -4.76
CA SER B 197 26.22 -20.72 -5.30
C SER B 197 26.79 -21.32 -6.56
N GLU B 198 27.31 -20.48 -7.45
CA GLU B 198 27.92 -20.88 -8.75
C GLU B 198 29.40 -21.28 -8.63
N GLY B 199 29.96 -21.27 -7.42
CA GLY B 199 31.29 -21.77 -7.18
C GLY B 199 32.38 -20.75 -6.85
N LYS B 200 32.06 -19.46 -6.84
CA LYS B 200 33.03 -18.43 -6.49
C LYS B 200 33.17 -18.31 -4.98
N THR B 201 34.36 -18.00 -4.49
CA THR B 201 34.50 -17.60 -3.10
C THR B 201 33.82 -16.25 -2.85
N LEU B 202 33.48 -16.02 -1.59
CA LEU B 202 32.94 -14.74 -1.15
C LEU B 202 33.81 -13.59 -1.60
N ASP B 203 35.13 -13.75 -1.44
CA ASP B 203 36.07 -12.65 -1.66
C ASP B 203 36.14 -12.31 -3.16
N ASP B 204 36.14 -13.32 -4.03
CA ASP B 204 36.01 -13.12 -5.48
C ASP B 204 34.74 -12.35 -5.79
N ALA B 205 33.62 -12.90 -5.32
CA ALA B 205 32.29 -12.36 -5.60
C ALA B 205 32.23 -10.88 -5.22
N ILE B 206 32.77 -10.56 -4.06
CA ILE B 206 32.90 -9.20 -3.63
C ILE B 206 33.71 -8.34 -4.60
N GLU B 207 34.86 -8.88 -5.03
CA GLU B 207 35.70 -8.22 -6.01
C GLU B 207 34.95 -7.95 -7.28
N GLU B 208 34.15 -8.92 -7.73
CA GLU B 208 33.35 -8.74 -8.95
C GLU B 208 32.36 -7.61 -8.77
N ALA B 209 31.59 -7.69 -7.69
CA ALA B 209 30.59 -6.68 -7.41
C ALA B 209 31.19 -5.28 -7.29
N LYS B 210 32.31 -5.11 -6.60
CA LYS B 210 32.90 -3.78 -6.41
C LYS B 210 33.29 -3.19 -7.75
N SER B 211 33.87 -4.02 -8.62
CA SER B 211 34.26 -3.59 -9.96
C SER B 211 33.01 -3.28 -10.80
N LEU B 212 31.88 -3.91 -10.48
CA LEU B 212 30.60 -3.58 -11.17
C LEU B 212 29.79 -2.40 -10.58
N GLY B 213 30.27 -1.74 -9.55
CA GLY B 213 29.41 -0.81 -8.81
C GLY B 213 28.15 -1.41 -8.16
N ILE B 214 28.09 -2.73 -8.01
CA ILE B 214 27.04 -3.40 -7.21
C ILE B 214 27.32 -3.20 -5.71
N LEU B 215 28.61 -3.17 -5.36
CA LEU B 215 29.08 -2.84 -4.04
C LEU B 215 29.97 -1.63 -4.15
N GLU B 216 30.05 -0.89 -3.06
CA GLU B 216 31.05 0.14 -2.88
C GLU B 216 32.37 -0.46 -2.42
N GLU B 217 33.43 0.35 -2.44
CA GLU B 217 34.75 -0.11 -2.06
C GLU B 217 34.83 -0.45 -0.57
N ASP B 218 34.13 0.32 0.27
CA ASP B 218 33.68 -0.16 1.56
C ASP B 218 32.29 -0.78 1.38
N PRO B 219 32.22 -2.11 1.41
CA PRO B 219 30.99 -2.86 1.18
C PRO B 219 30.20 -3.20 2.46
N SER B 220 30.62 -2.68 3.61
CA SER B 220 30.12 -3.11 4.91
C SER B 220 28.62 -2.94 5.07
N LYS B 221 28.05 -1.84 4.58
CA LYS B 221 26.60 -1.68 4.70
C LYS B 221 25.77 -2.80 4.10
N ASP B 222 26.28 -3.48 3.08
CA ASP B 222 25.64 -4.67 2.55
C ASP B 222 26.16 -5.92 3.19
N ILE B 223 27.47 -6.10 3.20
CA ILE B 223 28.07 -7.36 3.61
C ILE B 223 27.94 -7.66 5.11
N ASP B 224 27.94 -6.62 5.93
CA ASP B 224 27.79 -6.73 7.36
C ASP B 224 26.38 -6.44 7.85
N GLY B 225 25.40 -6.31 6.94
CA GLY B 225 24.00 -6.23 7.30
C GLY B 225 23.56 -4.91 7.89
N ILE B 226 24.36 -3.87 7.75
CA ILE B 226 24.06 -2.58 8.42
C ILE B 226 22.87 -1.89 7.72
N ASP B 227 22.88 -1.74 6.40
CA ASP B 227 21.70 -1.16 5.71
C ASP B 227 20.41 -1.89 6.12
N ALA B 228 20.41 -3.21 6.12
CA ALA B 228 19.22 -3.94 6.44
C ALA B 228 18.80 -3.70 7.88
N TYR B 229 19.79 -3.50 8.76
CA TYR B 229 19.50 -3.33 10.17
C TYR B 229 18.68 -2.06 10.37
N TYR B 230 19.18 -0.98 9.79
CA TYR B 230 18.47 0.30 9.77
C TYR B 230 17.07 0.16 9.17
N LYS B 231 16.93 -0.62 8.11
CA LYS B 231 15.62 -0.82 7.53
C LYS B 231 14.71 -1.66 8.41
N ALA B 232 15.24 -2.71 9.04
CA ALA B 232 14.46 -3.44 10.03
C ALA B 232 13.99 -2.58 11.19
N LYS B 233 14.85 -1.65 11.60
CA LYS B 233 14.53 -0.79 12.71
C LYS B 233 13.36 0.11 12.34
N ILE B 234 13.36 0.63 11.11
CA ILE B 234 12.33 1.53 10.66
C ILE B 234 11.02 0.75 10.58
N LEU B 235 11.09 -0.47 10.10
CA LEU B 235 9.90 -1.26 9.99
C LEU B 235 9.32 -1.51 11.36
N HIS B 236 10.21 -1.77 12.35
CA HIS B 236 9.81 -2.11 13.72
C HIS B 236 9.09 -0.92 14.36
N TRP B 237 9.62 0.25 14.10
CA TRP B 237 8.98 1.48 14.50
C TRP B 237 7.57 1.55 13.97
N VAL B 238 7.40 1.42 12.68
CA VAL B 238 6.06 1.57 12.06
C VAL B 238 5.05 0.54 12.58
N SER B 239 5.48 -0.70 12.75
CA SER B 239 4.57 -1.78 12.99
C SER B 239 4.16 -1.86 14.44
N TYR B 240 5.03 -1.39 15.34
CA TYR B 240 4.90 -1.60 16.81
C TYR B 240 5.08 -0.34 17.65
N GLY B 241 5.56 0.74 17.09
CA GLY B 241 5.51 2.01 17.78
C GLY B 241 6.48 2.12 18.91
N GLU B 242 7.53 1.32 18.89
CA GLU B 242 8.57 1.41 19.92
C GLU B 242 9.86 0.73 19.50
N PRO B 243 10.98 1.03 20.20
CA PRO B 243 12.25 0.42 19.80
C PRO B 243 12.25 -1.03 20.16
N PRO B 244 13.06 -1.83 19.48
CA PRO B 244 13.04 -3.23 19.84
C PRO B 244 13.80 -3.50 21.13
N GLU B 245 13.44 -4.58 21.77
CA GLU B 245 14.06 -5.05 23.00
C GLU B 245 15.27 -5.93 22.65
N GLU B 246 15.23 -6.60 21.51
CA GLU B 246 16.26 -7.56 21.14
C GLU B 246 16.71 -7.29 19.70
N GLU B 247 18.02 -7.24 19.50
CA GLU B 247 18.65 -6.96 18.22
C GLU B 247 19.74 -7.98 17.88
N GLU B 248 19.71 -8.45 16.66
CA GLU B 248 20.70 -9.35 16.16
C GLU B 248 21.06 -8.84 14.75
N ARG B 249 22.26 -8.34 14.58
CA ARG B 249 22.68 -7.87 13.30
C ARG B 249 23.81 -8.74 12.77
N LEU B 250 23.58 -9.44 11.67
CA LEU B 250 24.66 -10.19 11.02
C LEU B 250 24.63 -9.96 9.51
N GLY B 251 25.73 -10.33 8.85
CA GLY B 251 25.86 -10.19 7.41
C GLY B 251 26.11 -11.50 6.80
N ILE B 252 26.86 -11.53 5.72
CA ILE B 252 27.05 -12.78 5.00
C ILE B 252 28.47 -13.29 5.09
N ARG B 253 29.30 -12.67 5.92
CA ARG B 253 30.74 -13.04 5.96
C ARG B 253 31.02 -14.48 6.38
N GLU B 254 30.07 -15.13 7.05
CA GLU B 254 30.21 -16.49 7.59
C GLU B 254 29.60 -17.56 6.70
N VAL B 255 28.97 -17.15 5.61
CA VAL B 255 28.33 -18.08 4.69
C VAL B 255 29.30 -18.95 3.94
N ARG B 256 28.99 -20.22 3.90
CA ARG B 256 29.81 -21.17 3.21
C ARG B 256 29.05 -21.78 2.08
N ASP B 257 27.96 -22.45 2.37
CA ASP B 257 27.10 -22.98 1.36
C ASP B 257 26.04 -21.95 1.24
N ALA B 258 25.89 -21.42 0.04
CA ALA B 258 24.99 -20.29 -0.21
C ALA B 258 23.74 -20.65 -0.99
N ARG B 259 23.55 -21.93 -1.28
CA ARG B 259 22.36 -22.35 -2.04
C ARG B 259 21.08 -21.99 -1.30
N ASN B 260 20.21 -21.25 -1.98
CA ASN B 260 18.90 -20.89 -1.43
C ASN B 260 19.00 -20.02 -0.19
N VAL B 261 20.08 -19.27 -0.06
CA VAL B 261 20.27 -18.37 1.03
C VAL B 261 20.09 -16.95 0.55
N ARG B 262 19.44 -16.14 1.37
CA ARG B 262 19.32 -14.70 1.17
C ARG B 262 19.58 -14.03 2.48
N LEU B 263 19.93 -12.76 2.45
CA LEU B 263 20.12 -12.01 3.66
C LEU B 263 18.78 -11.42 4.02
N VAL B 264 18.22 -11.90 5.11
CA VAL B 264 16.86 -11.62 5.47
C VAL B 264 16.73 -10.79 6.73
N ALA B 265 15.92 -9.74 6.65
CA ALA B 265 15.60 -8.94 7.80
C ALA B 265 14.26 -9.38 8.33
N GLN B 266 14.23 -9.79 9.61
CA GLN B 266 13.02 -10.23 10.27
C GLN B 266 12.67 -9.35 11.46
N VAL B 267 11.39 -8.97 11.51
CA VAL B 267 10.88 -8.00 12.42
C VAL B 267 9.68 -8.66 13.07
N SER B 268 9.72 -8.74 14.38
CA SER B 268 8.52 -9.15 15.14
C SER B 268 8.47 -8.28 16.40
N LYS B 269 7.45 -8.45 17.21
CA LYS B 269 7.26 -7.50 18.31
C LYS B 269 8.42 -7.57 19.34
N GLY B 270 9.03 -6.43 19.57
CA GLY B 270 10.26 -6.28 20.32
C GLY B 270 11.52 -6.90 19.79
N LYS B 271 11.51 -7.46 18.57
CA LYS B 271 12.71 -8.14 18.01
C LYS B 271 13.07 -7.73 16.57
N ILE B 272 14.32 -7.40 16.30
CA ILE B 272 14.82 -7.39 14.91
C ILE B 272 16.03 -8.29 14.76
N SER B 273 16.03 -9.07 13.71
CA SER B 273 17.07 -10.01 13.40
C SER B 273 17.37 -9.97 11.89
N VAL B 274 18.52 -9.41 11.53
CA VAL B 274 19.01 -9.44 10.17
C VAL B 274 20.07 -10.54 10.09
N LYS B 275 19.88 -11.55 9.24
CA LYS B 275 20.89 -12.56 9.06
C LYS B 275 20.58 -13.44 7.82
N PRO B 276 21.54 -14.22 7.39
CA PRO B 276 21.31 -15.15 6.29
C PRO B 276 20.34 -16.25 6.62
N ARG B 277 19.47 -16.57 5.69
CA ARG B 277 18.51 -17.60 5.86
C ARG B 277 18.47 -18.51 4.67
N LYS B 278 18.48 -19.79 4.92
CA LYS B 278 18.20 -20.74 3.88
C LYS B 278 16.70 -20.84 3.75
N LEU B 279 16.24 -20.79 2.51
CA LEU B 279 14.84 -20.70 2.15
C LEU B 279 14.46 -21.84 1.24
N SER B 280 13.28 -22.40 1.47
CA SER B 280 12.72 -23.35 0.52
C SER B 280 12.59 -22.72 -0.87
N SER B 281 12.63 -23.51 -1.92
CA SER B 281 12.47 -22.99 -3.29
C SER B 281 11.13 -22.32 -3.46
N ASP B 282 10.24 -22.66 -2.57
CA ASP B 282 8.91 -22.16 -2.49
C ASP B 282 8.77 -20.70 -2.02
N ASN B 283 9.74 -20.22 -1.29
CA ASN B 283 9.58 -19.03 -0.50
C ASN B 283 9.59 -17.79 -1.41
N PRO B 284 8.55 -16.93 -1.32
CA PRO B 284 8.66 -15.68 -2.10
C PRO B 284 9.82 -14.77 -1.68
N LEU B 285 10.40 -14.97 -0.48
CA LEU B 285 11.62 -14.28 -0.12
C LEU B 285 12.85 -14.68 -0.96
N LEU B 286 12.81 -15.86 -1.58
CA LEU B 286 13.92 -16.34 -2.41
C LEU B 286 13.96 -15.53 -3.70
N VAL B 287 14.22 -14.24 -3.59
CA VAL B 287 14.22 -13.37 -4.74
C VAL B 287 15.39 -13.64 -5.68
N GLU B 288 15.15 -13.34 -6.95
CA GLU B 288 16.17 -13.46 -7.93
C GLU B 288 16.69 -12.11 -8.33
N GLY B 289 18.00 -12.04 -8.58
CA GLY B 289 18.64 -10.83 -9.03
C GLY B 289 18.38 -9.63 -8.13
N VAL B 290 17.92 -8.52 -8.69
CA VAL B 290 17.86 -7.23 -7.95
C VAL B 290 16.55 -7.03 -7.19
N GLN B 291 15.62 -7.97 -7.34
CA GLN B 291 14.32 -7.80 -6.72
C GLN B 291 14.37 -7.84 -5.17
N ASN B 292 13.73 -6.82 -4.55
CA ASN B 292 13.47 -6.82 -3.14
C ASN B 292 12.10 -7.43 -2.86
N ALA B 293 11.89 -7.86 -1.62
CA ALA B 293 10.62 -8.49 -1.27
C ALA B 293 10.38 -8.46 0.22
N ALA B 294 9.09 -8.39 0.54
CA ALA B 294 8.65 -8.33 1.91
C ALA B 294 7.40 -9.17 2.04
N VAL B 295 7.39 -10.01 3.07
CA VAL B 295 6.28 -10.85 3.43
C VAL B 295 5.80 -10.40 4.81
N ILE B 296 4.60 -9.88 4.86
CA ILE B 296 4.00 -9.45 6.10
C ILE B 296 2.96 -10.45 6.58
N ARG B 297 3.14 -10.94 7.81
CA ARG B 297 2.21 -11.91 8.41
C ARG B 297 1.25 -11.23 9.36
N THR B 298 -0.03 -11.51 9.22
CA THR B 298 -1.01 -10.91 10.10
C THR B 298 -2.00 -11.93 10.55
N ASN B 299 -2.76 -11.55 11.56
CA ASN B 299 -3.76 -12.45 12.12
C ASN B 299 -4.87 -12.73 11.11
N ASN B 300 -5.41 -11.70 10.47
CA ASN B 300 -6.56 -11.92 9.56
C ASN B 300 -6.18 -12.27 8.15
N LEU B 301 -4.98 -11.91 7.73
CA LEU B 301 -4.68 -12.06 6.33
C LEU B 301 -3.72 -13.15 6.03
N GLY B 302 -3.06 -13.73 7.02
CA GLY B 302 -2.02 -14.70 6.68
C GLY B 302 -0.79 -13.92 6.16
N GLU B 303 -0.43 -14.10 4.90
CA GLU B 303 0.72 -13.42 4.31
C GLU B 303 0.29 -12.44 3.27
N VAL B 304 0.82 -11.25 3.32
CA VAL B 304 0.69 -10.31 2.23
C VAL B 304 2.11 -10.14 1.71
N ILE B 305 2.27 -10.26 0.40
CA ILE B 305 3.60 -10.19 -0.17
C ILE B 305 3.72 -9.01 -1.07
N LEU B 306 4.80 -8.23 -0.95
CA LEU B 306 5.04 -7.06 -1.78
C LEU B 306 6.46 -7.13 -2.34
N LYS B 307 6.60 -7.05 -3.66
CA LYS B 307 7.90 -7.06 -4.30
C LYS B 307 8.09 -6.01 -5.33
N GLY B 308 9.34 -5.62 -5.47
CA GLY B 308 9.73 -4.53 -6.36
C GLY B 308 11.19 -4.14 -6.27
N PRO B 309 11.55 -3.09 -7.00
CA PRO B 309 12.94 -2.65 -6.97
C PRO B 309 13.26 -2.03 -5.64
N GLY B 310 14.55 -2.09 -5.26
CA GLY B 310 15.02 -1.54 -3.98
C GLY B 310 15.98 -0.36 -4.00
N GLY B 311 16.33 0.05 -5.21
CA GLY B 311 17.26 1.16 -5.43
C GLY B 311 17.21 1.68 -6.87
N GLY B 312 17.98 2.75 -7.10
CA GLY B 312 17.98 3.50 -8.34
C GLY B 312 17.46 4.93 -8.15
N GLY B 313 17.87 5.82 -9.02
CA GLY B 313 17.47 7.23 -8.91
C GLY B 313 15.95 7.43 -9.03
N ARG B 314 15.40 7.11 -10.19
CA ARG B 314 13.97 7.29 -10.44
C ARG B 314 13.12 6.40 -9.47
N VAL B 315 13.61 5.20 -9.16
CA VAL B 315 12.93 4.31 -8.23
C VAL B 315 12.79 4.92 -6.86
N THR B 316 13.88 5.47 -6.35
CA THR B 316 13.87 6.09 -5.02
C THR B 316 13.13 7.40 -5.02
N ALA B 317 13.33 8.20 -6.04
CA ALA B 317 12.67 9.54 -6.13
C ALA B 317 11.17 9.40 -6.30
N SER B 318 10.75 8.28 -6.86
CA SER B 318 9.34 7.92 -6.90
C SER B 318 8.72 7.91 -5.54
N GLY B 319 9.39 7.32 -4.55
CA GLY B 319 8.78 7.22 -3.22
C GLY B 319 8.65 8.58 -2.57
N VAL B 320 9.68 9.39 -2.78
CA VAL B 320 9.82 10.69 -2.15
C VAL B 320 8.74 11.58 -2.73
N PHE B 321 8.50 11.44 -4.03
CA PHE B 321 7.49 12.27 -4.67
C PHE B 321 6.11 11.94 -4.06
N THR B 322 5.88 10.66 -3.79
CA THR B 322 4.60 10.27 -3.19
C THR B 322 4.52 10.96 -1.84
N ASP B 323 5.62 10.92 -1.10
CA ASP B 323 5.64 11.56 0.20
C ASP B 323 5.43 13.10 0.14
N ILE B 324 5.95 13.75 -0.87
CA ILE B 324 5.77 15.19 -1.02
C ILE B 324 4.30 15.53 -1.14
N ILE B 325 3.61 14.76 -1.96
CA ILE B 325 2.18 14.99 -2.12
C ILE B 325 1.49 14.79 -0.79
N LYS B 326 1.77 13.70 -0.10
CA LYS B 326 1.12 13.47 1.19
C LYS B 326 1.42 14.55 2.21
N ALA B 327 2.67 14.96 2.28
CA ALA B 327 3.01 16.04 3.17
C ALA B 327 2.21 17.32 2.81
N THR B 328 2.31 17.76 1.57
CA THR B 328 1.57 18.92 1.10
C THR B 328 0.14 18.90 1.53
N LEU B 329 -0.52 17.75 1.32
CA LEU B 329 -1.94 17.59 1.65
C LEU B 329 -2.22 17.19 3.05
N LYS B 330 -1.21 17.15 3.88
CA LYS B 330 -1.41 16.81 5.29
C LYS B 330 -2.18 15.49 5.50
N PHE B 331 -1.64 14.41 4.95
CA PHE B 331 -2.09 13.05 5.28
C PHE B 331 -1.77 12.75 6.73
N PRO B 332 -2.72 12.13 7.43
CA PRO B 332 -2.47 11.75 8.82
C PRO B 332 -1.33 10.73 8.95
N ASN B 333 -0.52 10.87 9.99
CA ASN B 333 0.46 9.86 10.35
C ASN B 333 -0.15 9.06 11.49
N LEU B 334 -0.72 7.91 11.20
CA LEU B 334 -1.37 7.02 12.18
C LEU B 334 -0.39 6.10 12.94
N ARG B 335 0.62 5.62 12.23
CA ARG B 335 1.69 4.82 12.79
C ARG B 335 3.04 5.48 12.43
#